data_5DAS
#
_entry.id   5DAS
#
_cell.length_a   117.820
_cell.length_b   156.130
_cell.length_c   48.950
_cell.angle_alpha   90.000
_cell.angle_beta   90.000
_cell.angle_gamma   90.000
#
_symmetry.space_group_name_H-M   'P 21 21 2'
#
loop_
_entity.id
_entity.type
_entity.pdbx_description
1 polymer 'Nicotinate-nucleotide adenylyltransferase'
2 non-polymer 'NADP NICOTINAMIDE-ADENINE-DINUCLEOTIDE PHOSPHATE'
3 water water
#
_entity_poly.entity_id   1
_entity_poly.type   'polypeptide(L)'
_entity_poly.pdbx_seq_one_letter_code
;GAMGRRLGVMGGTFDPIHYGHLVAASEVADLFDLDEVVFVPSGQPWQKGRQVSAAEHRYLMTVIATASNPRFSVSRVDID
RGGPTYTKDTLADLHALHPDSELYFTTGADALASIMSWQGWEELFELARFVGVSRPGYELRNEHITSLLGQLAKDALTLV
EIPALAISSTDCRQRAEQSRPLWYLMPDGVVQYVSKRRLYT
;
_entity_poly.pdbx_strand_id   B,C,D,A
#
loop_
_chem_comp.id
_chem_comp.type
_chem_comp.name
_chem_comp.formula
NAP non-polymer 'NADP NICOTINAMIDE-ADENINE-DINUCLEOTIDE PHOSPHATE' 'C21 H28 N7 O17 P3'
#
# COMPACT_ATOMS: atom_id res chain seq x y z
N GLY A 1 -10.47 7.66 -25.14
CA GLY A 1 -11.00 6.28 -24.89
C GLY A 1 -11.63 5.72 -26.16
N ALA A 2 -12.33 4.60 -26.04
CA ALA A 2 -13.00 3.96 -27.19
C ALA A 2 -14.09 4.83 -27.80
N MET A 3 -14.71 5.71 -27.01
CA MET A 3 -15.78 6.62 -27.49
C MET A 3 -15.33 8.08 -27.66
N GLY A 4 -14.04 8.32 -27.86
CA GLY A 4 -13.50 9.68 -27.96
C GLY A 4 -12.94 10.20 -26.63
N ARG A 5 -12.50 11.46 -26.65
CA ARG A 5 -11.90 12.09 -25.49
C ARG A 5 -12.97 12.42 -24.50
N ARG A 6 -12.89 11.78 -23.33
CA ARG A 6 -13.85 11.96 -22.26
C ARG A 6 -13.15 12.08 -20.92
N LEU A 7 -13.68 12.95 -20.09
CA LEU A 7 -13.07 13.36 -18.83
C LEU A 7 -14.16 13.36 -17.75
N GLY A 8 -13.91 12.64 -16.66
CA GLY A 8 -14.77 12.67 -15.50
C GLY A 8 -14.40 13.84 -14.63
N VAL A 9 -15.40 14.45 -14.00
CA VAL A 9 -15.20 15.52 -13.05
C VAL A 9 -15.90 15.14 -11.77
N MET A 10 -15.11 14.83 -10.76
CA MET A 10 -15.62 14.23 -9.55
C MET A 10 -15.68 15.37 -8.55
N GLY A 11 -16.87 15.97 -8.46
CA GLY A 11 -17.14 17.07 -7.55
C GLY A 11 -17.50 16.58 -6.17
N GLY A 12 -16.97 17.23 -5.14
CA GLY A 12 -17.30 16.87 -3.78
C GLY A 12 -16.57 17.65 -2.74
N THR A 13 -17.01 17.50 -1.50
CA THR A 13 -16.39 18.14 -0.35
C THR A 13 -15.19 17.34 0.13
N PHE A 14 -15.34 16.01 0.17
CA PHE A 14 -14.24 15.09 0.48
C PHE A 14 -13.64 15.33 1.87
N ASP A 15 -14.48 15.13 2.88
CA ASP A 15 -14.14 15.52 4.25
C ASP A 15 -14.52 14.43 5.26
N PRO A 16 -13.80 13.29 5.24
CA PRO A 16 -12.66 13.02 4.36
C PRO A 16 -13.05 12.25 3.11
N ILE A 17 -12.14 12.21 2.15
CA ILE A 17 -12.23 11.25 1.06
C ILE A 17 -12.05 9.82 1.60
N HIS A 18 -12.59 8.82 0.89
CA HIS A 18 -12.56 7.42 1.36
C HIS A 18 -12.73 6.49 0.16
N TYR A 19 -12.67 5.17 0.40
CA TYR A 19 -12.69 4.20 -0.71
C TYR A 19 -14.01 4.14 -1.46
N GLY A 20 -15.10 4.48 -0.80
CA GLY A 20 -16.36 4.72 -1.53
C GLY A 20 -16.25 5.70 -2.68
N HIS A 21 -15.59 6.82 -2.48
CA HIS A 21 -15.43 7.80 -3.54
C HIS A 21 -14.55 7.26 -4.66
N LEU A 22 -13.47 6.60 -4.26
CA LEU A 22 -12.46 6.10 -5.19
C LEU A 22 -13.01 4.98 -6.05
N VAL A 23 -13.78 4.08 -5.42
CA VAL A 23 -14.54 3.05 -6.13
C VAL A 23 -15.54 3.69 -7.11
N ALA A 24 -16.28 4.71 -6.67
CA ALA A 24 -17.26 5.36 -7.55
C ALA A 24 -16.62 5.96 -8.79
N ALA A 25 -15.49 6.64 -8.61
CA ALA A 25 -14.75 7.24 -9.73
C ALA A 25 -14.25 6.18 -10.71
N SER A 26 -13.64 5.15 -10.15
CA SER A 26 -13.15 3.99 -10.91
C SER A 26 -14.28 3.32 -11.73
N GLU A 27 -15.44 3.09 -11.11
CA GLU A 27 -16.59 2.53 -11.80
C GLU A 27 -17.09 3.43 -12.92
N VAL A 28 -17.36 4.69 -12.58
CA VAL A 28 -17.84 5.65 -13.55
C VAL A 28 -16.86 5.76 -14.74
N ALA A 29 -15.57 5.76 -14.48
CA ALA A 29 -14.55 5.75 -15.56
C ALA A 29 -14.70 4.55 -16.51
N ASP A 30 -14.92 3.37 -15.95
CA ASP A 30 -15.06 2.18 -16.74
C ASP A 30 -16.37 2.19 -17.57
N LEU A 31 -17.49 2.56 -16.94
CA LEU A 31 -18.80 2.59 -17.60
C LEU A 31 -18.89 3.56 -18.76
N PHE A 32 -18.23 4.71 -18.65
CA PHE A 32 -18.31 5.73 -19.72
C PHE A 32 -17.04 5.91 -20.55
N ASP A 33 -16.10 4.99 -20.46
CA ASP A 33 -14.83 5.04 -21.21
C ASP A 33 -14.06 6.37 -21.03
N LEU A 34 -13.92 6.78 -19.78
CA LEU A 34 -13.26 8.03 -19.45
C LEU A 34 -11.73 7.87 -19.47
N ASP A 35 -11.04 8.88 -19.95
CA ASP A 35 -9.59 8.88 -20.01
C ASP A 35 -8.95 9.20 -18.67
N GLU A 36 -9.69 9.92 -17.83
CA GLU A 36 -9.17 10.48 -16.61
C GLU A 36 -10.36 10.91 -15.76
N VAL A 37 -10.15 10.97 -14.45
CA VAL A 37 -11.12 11.55 -13.56
C VAL A 37 -10.41 12.62 -12.73
N VAL A 38 -10.84 13.88 -12.91
CA VAL A 38 -10.33 14.97 -12.12
C VAL A 38 -11.20 15.09 -10.89
N PHE A 39 -10.62 14.88 -9.72
CA PHE A 39 -11.26 15.18 -8.45
C PHE A 39 -11.20 16.69 -8.18
N VAL A 40 -12.36 17.29 -7.92
CA VAL A 40 -12.42 18.74 -7.63
C VAL A 40 -13.05 19.02 -6.28
N PRO A 41 -12.21 19.18 -5.25
CA PRO A 41 -12.72 19.53 -3.93
C PRO A 41 -13.39 20.90 -3.94
N SER A 42 -14.60 20.98 -3.40
CA SER A 42 -15.35 22.25 -3.38
C SER A 42 -14.63 23.28 -2.50
N GLY A 43 -14.71 24.54 -2.93
CA GLY A 43 -14.06 25.63 -2.21
C GLY A 43 -14.84 25.99 -0.96
N GLN A 44 -16.08 26.37 -1.18
CA GLN A 44 -17.05 26.73 -0.16
C GLN A 44 -18.35 26.09 -0.53
N PRO A 45 -18.73 25.00 0.17
CA PRO A 45 -20.06 24.42 -0.06
C PRO A 45 -21.11 25.15 0.81
N VAL A 52 -16.97 21.85 8.51
CA VAL A 52 -16.24 21.45 7.30
C VAL A 52 -14.77 21.90 7.40
N SER A 53 -13.83 20.94 7.34
CA SER A 53 -12.40 21.23 7.44
C SER A 53 -11.95 22.24 6.37
N ALA A 54 -10.93 23.02 6.71
CA ALA A 54 -10.33 23.97 5.78
C ALA A 54 -10.02 23.30 4.43
N ALA A 55 -10.09 24.07 3.36
CA ALA A 55 -9.95 23.54 2.00
C ALA A 55 -8.61 22.86 1.72
N GLU A 56 -7.53 23.39 2.29
CA GLU A 56 -6.20 22.82 2.07
CA GLU A 56 -6.20 22.81 2.07
C GLU A 56 -6.12 21.37 2.60
N HIS A 57 -6.85 21.09 3.69
CA HIS A 57 -6.90 19.73 4.24
C HIS A 57 -7.62 18.77 3.31
N ARG A 58 -8.72 19.24 2.74
CA ARG A 58 -9.56 18.41 1.89
C ARG A 58 -8.82 18.17 0.58
N TYR A 59 -8.07 19.19 0.16
CA TYR A 59 -7.24 19.10 -1.02
C TYR A 59 -6.14 18.07 -0.84
N LEU A 60 -5.38 18.20 0.24
CA LEU A 60 -4.25 17.32 0.45
C LEU A 60 -4.70 15.86 0.64
N MET A 61 -5.76 15.64 1.40
CA MET A 61 -6.32 14.28 1.56
C MET A 61 -6.70 13.69 0.19
N THR A 62 -7.29 14.50 -0.67
CA THR A 62 -7.65 14.06 -2.02
C THR A 62 -6.38 13.77 -2.88
N VAL A 63 -5.34 14.61 -2.74
CA VAL A 63 -4.07 14.39 -3.45
C VAL A 63 -3.40 13.06 -3.01
N ILE A 64 -3.32 12.87 -1.69
CA ILE A 64 -2.76 11.67 -1.10
C ILE A 64 -3.50 10.43 -1.58
N ALA A 65 -4.83 10.47 -1.52
CA ALA A 65 -5.69 9.35 -1.90
C ALA A 65 -5.63 8.93 -3.37
N THR A 66 -5.51 9.91 -4.26
CA THR A 66 -5.51 9.70 -5.71
C THR A 66 -4.11 9.55 -6.33
N ALA A 67 -3.09 9.85 -5.55
CA ALA A 67 -1.72 9.98 -6.07
C ALA A 67 -1.28 8.77 -6.90
N SER A 68 -1.55 7.56 -6.39
CA SER A 68 -1.04 6.34 -7.01
C SER A 68 -1.75 5.91 -8.31
N ASN A 69 -2.91 6.47 -8.60
CA ASN A 69 -3.67 6.10 -9.79
C ASN A 69 -3.26 6.99 -10.97
N PRO A 70 -2.70 6.41 -12.06
CA PRO A 70 -2.32 7.21 -13.21
C PRO A 70 -3.46 7.97 -13.90
N ARG A 71 -4.71 7.60 -13.67
CA ARG A 71 -5.84 8.23 -14.35
C ARG A 71 -6.71 9.12 -13.45
N PHE A 72 -6.26 9.37 -12.21
CA PHE A 72 -6.89 10.32 -11.31
C PHE A 72 -5.96 11.48 -11.11
N SER A 73 -6.54 12.66 -11.01
CA SER A 73 -5.79 13.85 -10.57
C SER A 73 -6.71 14.73 -9.74
N VAL A 74 -6.15 15.81 -9.20
CA VAL A 74 -6.90 16.76 -8.40
C VAL A 74 -6.74 18.17 -8.96
N SER A 75 -7.83 18.93 -9.00
CA SER A 75 -7.81 20.31 -9.48
C SER A 75 -8.21 21.24 -8.35
N ARG A 76 -7.53 22.38 -8.25
CA ARG A 76 -7.84 23.40 -7.23
C ARG A 76 -8.75 24.51 -7.77
N VAL A 77 -9.34 24.33 -8.96
CA VAL A 77 -10.05 25.42 -9.59
C VAL A 77 -11.17 26.03 -8.72
N ASP A 78 -11.89 25.20 -7.95
CA ASP A 78 -12.95 25.69 -7.06
C ASP A 78 -12.38 26.37 -5.82
N ILE A 79 -11.30 25.80 -5.29
CA ILE A 79 -10.66 26.36 -4.11
C ILE A 79 -10.01 27.71 -4.41
N ASP A 80 -9.31 27.79 -5.54
CA ASP A 80 -8.59 29.01 -5.93
C ASP A 80 -9.48 30.10 -6.50
N ARG A 81 -10.68 29.75 -6.94
CA ARG A 81 -11.64 30.74 -7.41
C ARG A 81 -12.06 31.66 -6.27
N GLY A 82 -12.17 31.14 -5.05
CA GLY A 82 -12.69 31.93 -3.94
C GLY A 82 -14.19 32.07 -4.09
N GLY A 83 -14.86 32.55 -3.02
CA GLY A 83 -16.32 32.66 -3.01
C GLY A 83 -17.03 31.29 -3.04
N PRO A 84 -18.36 31.32 -3.20
CA PRO A 84 -19.14 30.08 -3.24
C PRO A 84 -18.82 29.26 -4.46
N THR A 85 -18.99 27.95 -4.34
CA THR A 85 -18.68 27.03 -5.41
C THR A 85 -19.92 26.74 -6.23
N TYR A 86 -19.86 27.08 -7.52
CA TYR A 86 -20.91 26.77 -8.49
C TYR A 86 -20.34 25.83 -9.52
N THR A 87 -21.15 24.85 -9.91
CA THR A 87 -20.73 23.78 -10.79
C THR A 87 -20.59 24.28 -12.23
N LYS A 88 -21.38 25.29 -12.60
CA LYS A 88 -21.18 25.96 -13.90
C LYS A 88 -19.75 26.57 -14.03
N ASP A 89 -19.20 27.08 -12.93
CA ASP A 89 -17.83 27.62 -12.96
C ASP A 89 -16.78 26.52 -13.04
N THR A 90 -16.97 25.44 -12.28
CA THR A 90 -16.10 24.26 -12.31
C THR A 90 -16.01 23.72 -13.74
N LEU A 91 -17.17 23.54 -14.36
CA LEU A 91 -17.24 23.03 -15.71
C LEU A 91 -16.61 23.97 -16.74
N ALA A 92 -16.85 25.27 -16.59
CA ALA A 92 -16.19 26.27 -17.45
C ALA A 92 -14.66 26.19 -17.34
N ASP A 93 -14.16 26.14 -16.11
CA ASP A 93 -12.72 26.05 -15.91
C ASP A 93 -12.10 24.79 -16.50
N LEU A 94 -12.77 23.66 -16.30
CA LEU A 94 -12.26 22.39 -16.77
C LEU A 94 -12.38 22.23 -18.27
N HIS A 95 -13.45 22.76 -18.83
CA HIS A 95 -13.59 22.89 -20.28
C HIS A 95 -12.46 23.71 -20.89
N ALA A 96 -12.12 24.83 -20.28
CA ALA A 96 -10.99 25.62 -20.75
C ALA A 96 -9.66 24.82 -20.77
N LEU A 97 -9.47 23.93 -19.81
CA LEU A 97 -8.26 23.11 -19.78
C LEU A 97 -8.30 21.94 -20.73
N HIS A 98 -9.48 21.36 -20.98
CA HIS A 98 -9.62 20.16 -21.82
C HIS A 98 -10.73 20.36 -22.82
N PRO A 99 -10.58 21.35 -23.73
CA PRO A 99 -11.69 21.77 -24.59
C PRO A 99 -12.10 20.72 -25.61
N ASP A 100 -11.21 19.79 -25.95
CA ASP A 100 -11.54 18.69 -26.86
C ASP A 100 -12.17 17.44 -26.17
N SER A 101 -12.37 17.47 -24.85
CA SER A 101 -12.99 16.34 -24.14
C SER A 101 -14.44 16.65 -23.84
N GLU A 102 -15.29 15.63 -23.91
CA GLU A 102 -16.64 15.66 -23.35
C GLU A 102 -16.51 15.48 -21.84
N LEU A 103 -17.24 16.27 -21.08
CA LEU A 103 -17.15 16.28 -19.63
C LEU A 103 -18.28 15.44 -19.06
N TYR A 104 -17.95 14.72 -17.99
CA TYR A 104 -18.89 13.89 -17.24
C TYR A 104 -18.77 14.27 -15.79
N PHE A 105 -19.73 15.06 -15.31
CA PHE A 105 -19.73 15.54 -13.95
C PHE A 105 -20.35 14.49 -13.04
N THR A 106 -19.60 14.07 -12.04
CA THR A 106 -19.97 12.97 -11.18
C THR A 106 -19.94 13.43 -9.73
N THR A 107 -21.03 13.18 -9.02
CA THR A 107 -21.11 13.44 -7.59
C THR A 107 -22.21 12.58 -7.00
N GLY A 108 -22.39 12.67 -5.68
CA GLY A 108 -23.46 11.94 -5.00
C GLY A 108 -24.83 12.29 -5.56
N ALA A 109 -25.71 11.29 -5.63
CA ALA A 109 -27.02 11.47 -6.27
C ALA A 109 -27.86 12.51 -5.53
N ASP A 110 -27.83 12.50 -4.20
CA ASP A 110 -28.49 13.52 -3.36
C ASP A 110 -28.03 14.96 -3.62
N ALA A 111 -26.72 15.17 -3.76
CA ALA A 111 -26.22 16.49 -4.14
C ALA A 111 -26.73 16.84 -5.53
N LEU A 112 -26.74 15.87 -6.44
CA LEU A 112 -27.20 16.09 -7.81
C LEU A 112 -28.72 16.37 -7.91
N ALA A 113 -29.50 15.90 -6.94
CA ALA A 113 -30.93 16.19 -6.88
C ALA A 113 -31.24 17.66 -6.57
N SER A 114 -30.30 18.35 -5.91
CA SER A 114 -30.50 19.73 -5.49
C SER A 114 -29.96 20.73 -6.52
N ILE A 115 -28.78 20.45 -7.09
CA ILE A 115 -28.08 21.39 -8.02
C ILE A 115 -29.00 21.78 -9.20
N MET A 116 -29.87 20.86 -9.61
CA MET A 116 -30.82 21.11 -10.69
C MET A 116 -31.99 22.08 -10.33
N SER A 117 -31.95 22.69 -9.15
CA SER A 117 -32.71 23.91 -8.87
C SER A 117 -31.82 25.13 -9.12
N GLU A 122 -29.70 24.93 -15.36
CA GLU A 122 -30.45 24.69 -16.60
C GLU A 122 -29.52 24.53 -17.81
N GLU A 123 -28.66 25.53 -18.01
CA GLU A 123 -27.62 25.51 -19.06
C GLU A 123 -26.44 24.55 -18.77
N LEU A 124 -26.34 24.07 -17.52
CA LEU A 124 -25.38 23.03 -17.12
C LEU A 124 -25.32 21.86 -18.10
N PHE A 125 -26.46 21.48 -18.65
CA PHE A 125 -26.54 20.38 -19.63
C PHE A 125 -25.95 20.68 -21.00
N GLU A 126 -25.70 21.95 -21.30
CA GLU A 126 -24.94 22.32 -22.50
C GLU A 126 -23.44 22.03 -22.30
N LEU A 127 -22.99 22.03 -21.04
CA LEU A 127 -21.58 21.91 -20.72
C LEU A 127 -21.11 20.47 -20.50
N ALA A 128 -21.98 19.63 -19.92
CA ALA A 128 -21.60 18.31 -19.41
C ALA A 128 -22.76 17.32 -19.29
N ARG A 129 -22.41 16.04 -19.33
CA ARG A 129 -23.30 14.97 -18.93
C ARG A 129 -23.15 14.82 -17.42
N PHE A 130 -24.21 14.39 -16.76
CA PHE A 130 -24.22 14.31 -15.30
C PHE A 130 -24.45 12.89 -14.84
N VAL A 131 -23.68 12.48 -13.86
CA VAL A 131 -23.75 11.13 -13.34
C VAL A 131 -23.88 11.22 -11.83
N GLY A 132 -24.96 10.65 -11.30
CA GLY A 132 -25.18 10.64 -9.88
C GLY A 132 -24.87 9.25 -9.35
N VAL A 133 -24.03 9.20 -8.31
CA VAL A 133 -23.68 7.93 -7.68
C VAL A 133 -24.33 7.82 -6.32
N SER A 134 -24.79 6.63 -5.96
CA SER A 134 -25.31 6.35 -4.62
C SER A 134 -25.22 4.87 -4.28
N ARG A 135 -25.48 4.53 -3.03
CA ARG A 135 -25.77 3.15 -2.68
C ARG A 135 -27.08 2.71 -3.39
N PRO A 136 -27.27 1.38 -3.64
CA PRO A 136 -28.50 0.92 -4.35
C PRO A 136 -29.81 1.19 -3.58
N GLY A 137 -30.85 1.63 -4.29
CA GLY A 137 -32.14 2.01 -3.68
C GLY A 137 -32.21 3.48 -3.32
N ALA A 156 -27.32 11.91 -20.71
CA ALA A 156 -27.71 13.22 -20.18
C ALA A 156 -27.61 13.31 -18.63
N LEU A 157 -28.52 12.60 -17.94
CA LEU A 157 -28.43 12.35 -16.50
C LEU A 157 -28.59 10.84 -16.25
N THR A 158 -27.62 10.23 -15.57
CA THR A 158 -27.58 8.80 -15.32
C THR A 158 -27.30 8.52 -13.85
N LEU A 159 -28.01 7.55 -13.28
CA LEU A 159 -27.81 7.11 -11.92
C LEU A 159 -27.03 5.80 -11.93
N VAL A 160 -25.97 5.73 -11.10
CA VAL A 160 -25.14 4.53 -11.00
C VAL A 160 -25.09 4.13 -9.53
N GLU A 161 -25.35 2.86 -9.29
CA GLU A 161 -25.44 2.32 -7.93
C GLU A 161 -24.10 1.67 -7.61
N ILE A 162 -23.53 2.05 -6.46
CA ILE A 162 -22.20 1.64 -6.02
C ILE A 162 -22.35 1.10 -4.60
N PRO A 163 -22.25 -0.23 -4.40
CA PRO A 163 -22.31 -0.79 -3.01
C PRO A 163 -21.28 -0.27 -1.99
N ALA A 164 -20.08 0.04 -2.46
CA ALA A 164 -19.04 0.58 -1.60
C ALA A 164 -19.38 1.95 -1.03
N LEU A 165 -20.36 2.65 -1.62
CA LEU A 165 -20.84 3.94 -1.08
C LEU A 165 -21.63 3.86 0.23
N ALA A 166 -21.90 2.65 0.72
CA ALA A 166 -22.23 2.45 2.13
C ALA A 166 -21.17 3.01 3.07
N ILE A 167 -19.93 3.07 2.62
CA ILE A 167 -18.92 3.83 3.36
C ILE A 167 -19.21 5.31 3.17
N SER A 168 -19.21 6.06 4.26
CA SER A 168 -19.50 7.50 4.18
C SER A 168 -18.51 8.31 5.00
N SER A 169 -18.32 9.55 4.58
CA SER A 169 -17.45 10.47 5.29
C SER A 169 -18.00 10.81 6.69
N THR A 170 -19.33 10.79 6.85
CA THR A 170 -19.98 10.95 8.15
C THR A 170 -19.57 9.86 9.13
N ASP A 171 -19.62 8.60 8.72
CA ASP A 171 -19.12 7.51 9.60
C ASP A 171 -17.63 7.73 9.90
N CYS A 172 -16.86 8.08 8.87
CA CYS A 172 -15.44 8.28 9.03
C CYS A 172 -15.11 9.34 10.08
N ARG A 173 -15.82 10.48 10.02
CA ARG A 173 -15.61 11.57 10.99
C ARG A 173 -15.96 11.11 12.40
N GLN A 174 -17.09 10.42 12.54
CA GLN A 174 -17.53 9.87 13.84
C GLN A 174 -16.53 8.89 14.42
N ARG A 175 -16.04 7.99 13.57
CA ARG A 175 -15.03 7.05 14.04
C ARG A 175 -13.81 7.82 14.55
N ALA A 176 -13.36 8.83 13.81
CA ALA A 176 -12.19 9.63 14.21
C ALA A 176 -12.47 10.43 15.48
N GLU A 177 -13.67 11.00 15.59
CA GLU A 177 -14.16 11.65 16.82
C GLU A 177 -14.10 10.71 18.04
N GLN A 178 -14.46 9.45 17.86
CA GLN A 178 -14.47 8.46 18.93
C GLN A 178 -13.16 7.71 19.11
N SER A 179 -12.13 8.06 18.33
CA SER A 179 -10.82 7.39 18.35
C SER A 179 -10.89 5.89 17.96
N ARG A 180 -11.71 5.59 16.97
CA ARG A 180 -11.83 4.24 16.43
C ARG A 180 -11.12 4.17 15.05
N PRO A 181 -10.52 3.01 14.72
CA PRO A 181 -9.63 3.00 13.54
C PRO A 181 -10.34 3.26 12.20
N LEU A 182 -9.64 3.95 11.30
CA LEU A 182 -10.14 4.19 9.95
C LEU A 182 -9.55 3.25 8.91
N TRP A 183 -8.66 2.35 9.34
CA TRP A 183 -7.96 1.44 8.45
C TRP A 183 -8.93 0.72 7.54
N TYR A 184 -8.55 0.64 6.27
CA TYR A 184 -9.29 -0.03 5.21
C TYR A 184 -10.56 0.67 4.76
N LEU A 185 -10.92 1.82 5.34
CA LEU A 185 -12.04 2.64 4.82
C LEU A 185 -11.52 3.67 3.83
N MET A 186 -10.20 3.85 3.81
CA MET A 186 -9.54 4.88 3.02
C MET A 186 -8.07 4.51 2.95
N PRO A 187 -7.33 5.08 2.00
CA PRO A 187 -5.90 4.80 1.96
C PRO A 187 -5.19 5.15 3.26
N ASP A 188 -4.12 4.41 3.55
CA ASP A 188 -3.32 4.63 4.75
C ASP A 188 -2.89 6.08 4.91
N GLY A 189 -2.44 6.68 3.81
CA GLY A 189 -2.01 8.09 3.84
C GLY A 189 -3.06 9.07 4.32
N VAL A 190 -4.31 8.78 4.00
CA VAL A 190 -5.40 9.60 4.44
C VAL A 190 -5.74 9.28 5.90
N VAL A 191 -5.69 8.00 6.28
CA VAL A 191 -5.87 7.60 7.70
C VAL A 191 -4.86 8.38 8.54
N GLN A 192 -3.62 8.41 8.09
CA GLN A 192 -2.57 9.17 8.80
C GLN A 192 -2.71 10.70 8.74
N TYR A 193 -3.15 11.27 7.62
CA TYR A 193 -3.38 12.73 7.58
C TYR A 193 -4.43 13.18 8.61
N VAL A 194 -5.50 12.40 8.71
CA VAL A 194 -6.60 12.65 9.64
C VAL A 194 -6.10 12.60 11.08
N SER A 195 -5.32 11.57 11.40
CA SER A 195 -4.71 11.42 12.73
C SER A 195 -3.64 12.50 13.00
N LYS A 196 -2.71 12.68 12.06
CA LYS A 196 -1.64 13.67 12.23
C LYS A 196 -2.16 15.11 12.41
N ARG A 197 -3.19 15.53 11.65
CA ARG A 197 -3.76 16.88 11.81
C ARG A 197 -4.97 16.95 12.76
N ARG A 198 -5.30 15.83 13.41
CA ARG A 198 -6.35 15.78 14.44
C ARG A 198 -7.66 16.35 13.92
N LEU A 199 -8.03 15.98 12.69
CA LEU A 199 -9.05 16.73 11.93
C LEU A 199 -10.44 16.85 12.54
N TYR A 200 -10.99 15.77 13.10
CA TYR A 200 -12.39 15.80 13.56
C TYR A 200 -12.54 15.72 15.09
N THR A 201 -11.44 15.77 15.82
CA THR A 201 -11.48 15.68 17.29
C THR A 201 -11.95 16.99 17.96
N GLY B 1 7.36 -7.89 -26.38
CA GLY B 1 8.05 -6.57 -26.27
C GLY B 1 8.68 -6.12 -27.56
N ALA B 2 9.31 -4.95 -27.51
CA ALA B 2 9.91 -4.28 -28.67
C ALA B 2 10.84 -5.13 -29.53
N MET B 3 11.46 -6.16 -28.92
CA MET B 3 12.36 -7.07 -29.63
C MET B 3 11.97 -8.55 -29.53
N GLY B 4 10.69 -8.84 -29.29
CA GLY B 4 10.18 -10.23 -29.26
C GLY B 4 9.80 -10.73 -27.88
N ARG B 5 9.41 -11.99 -27.78
CA ARG B 5 8.99 -12.59 -26.50
C ARG B 5 10.21 -12.82 -25.59
N ARG B 6 10.30 -12.01 -24.53
CA ARG B 6 11.40 -12.08 -23.57
C ARG B 6 10.89 -12.08 -22.14
N LEU B 7 11.48 -12.95 -21.33
CA LEU B 7 11.06 -13.17 -19.96
C LEU B 7 12.29 -13.05 -19.09
N GLY B 8 12.26 -12.14 -18.12
CA GLY B 8 13.34 -12.03 -17.14
C GLY B 8 13.21 -13.12 -16.09
N VAL B 9 14.34 -13.63 -15.61
CA VAL B 9 14.36 -14.61 -14.55
C VAL B 9 15.28 -14.07 -13.50
N MET B 10 14.70 -13.66 -12.40
CA MET B 10 15.41 -13.01 -11.34
C MET B 10 15.70 -14.05 -10.28
N GLY B 11 16.89 -14.64 -10.33
CA GLY B 11 17.29 -15.69 -9.40
C GLY B 11 17.97 -15.12 -8.17
N GLY B 12 17.54 -15.55 -6.98
CA GLY B 12 18.22 -15.15 -5.75
C GLY B 12 17.73 -15.88 -4.52
N THR B 13 18.44 -15.73 -3.42
CA THR B 13 17.99 -16.29 -2.16
C THR B 13 16.87 -15.46 -1.56
N PHE B 14 16.98 -14.14 -1.70
CA PHE B 14 15.96 -13.20 -1.24
C PHE B 14 15.65 -13.39 0.25
N ASP B 15 16.65 -13.11 1.08
CA ASP B 15 16.56 -13.31 2.53
C ASP B 15 17.08 -12.10 3.31
N PRO B 16 16.32 -10.97 3.26
CA PRO B 16 15.05 -10.77 2.59
C PRO B 16 15.18 -10.12 1.21
N ILE B 17 14.10 -10.18 0.44
CA ILE B 17 13.94 -9.34 -0.73
C ILE B 17 13.87 -7.86 -0.29
N HIS B 18 14.32 -6.95 -1.14
CA HIS B 18 14.40 -5.53 -0.83
C HIS B 18 14.30 -4.69 -2.11
N TYR B 19 14.27 -3.38 -1.92
CA TYR B 19 14.08 -2.47 -3.02
C TYR B 19 15.20 -2.50 -4.06
N GLY B 20 16.43 -2.73 -3.62
CA GLY B 20 17.55 -3.09 -4.53
C GLY B 20 17.18 -4.13 -5.58
N HIS B 21 16.63 -5.26 -5.13
CA HIS B 21 16.20 -6.32 -6.02
C HIS B 21 15.12 -5.84 -6.97
N LEU B 22 14.19 -5.07 -6.44
CA LEU B 22 13.03 -4.62 -7.19
C LEU B 22 13.37 -3.56 -8.22
N VAL B 23 14.18 -2.58 -7.84
CA VAL B 23 14.77 -1.60 -8.78
C VAL B 23 15.53 -2.35 -9.89
N ALA B 24 16.42 -3.27 -9.51
CA ALA B 24 17.24 -4.01 -10.51
C ALA B 24 16.39 -4.74 -11.57
N ALA B 25 15.34 -5.44 -11.12
CA ALA B 25 14.45 -6.15 -12.01
C ALA B 25 13.69 -5.17 -12.92
N SER B 26 13.15 -4.11 -12.32
CA SER B 26 12.46 -3.05 -13.07
C SER B 26 13.38 -2.44 -14.16
N GLU B 27 14.64 -2.18 -13.81
CA GLU B 27 15.61 -1.56 -14.73
C GLU B 27 16.10 -2.50 -15.83
N VAL B 28 16.41 -3.75 -15.48
CA VAL B 28 16.74 -4.76 -16.49
C VAL B 28 15.57 -5.03 -17.46
N ALA B 29 14.33 -5.04 -16.94
CA ALA B 29 13.17 -5.21 -17.77
C ALA B 29 13.07 -4.10 -18.81
N ASP B 30 13.28 -2.87 -18.38
CA ASP B 30 13.36 -1.74 -19.28
C ASP B 30 14.53 -1.82 -20.27
N LEU B 31 15.74 -2.12 -19.78
CA LEU B 31 16.93 -2.18 -20.63
C LEU B 31 16.84 -3.26 -21.73
N PHE B 32 16.23 -4.41 -21.43
CA PHE B 32 16.19 -5.54 -22.36
C PHE B 32 14.81 -5.88 -22.92
N ASP B 33 13.83 -4.98 -22.76
CA ASP B 33 12.51 -5.11 -23.36
C ASP B 33 11.81 -6.40 -22.93
N LEU B 34 11.84 -6.65 -21.63
CA LEU B 34 11.28 -7.86 -21.08
C LEU B 34 9.80 -7.67 -20.81
N ASP B 35 8.99 -8.63 -21.23
CA ASP B 35 7.54 -8.58 -21.04
C ASP B 35 7.16 -8.75 -19.57
N GLU B 36 7.95 -9.55 -18.87
CA GLU B 36 7.62 -9.98 -17.54
C GLU B 36 8.93 -10.38 -16.88
N VAL B 37 8.96 -10.34 -15.56
CA VAL B 37 10.10 -10.80 -14.81
C VAL B 37 9.58 -11.82 -13.78
N VAL B 38 10.06 -13.06 -13.85
CA VAL B 38 9.75 -14.10 -12.86
C VAL B 38 10.85 -14.13 -11.80
N PHE B 39 10.48 -13.89 -10.56
CA PHE B 39 11.39 -14.00 -9.43
C PHE B 39 11.42 -15.46 -8.99
N VAL B 40 12.63 -15.98 -8.83
CA VAL B 40 12.82 -17.38 -8.46
C VAL B 40 13.67 -17.43 -7.19
N PRO B 41 13.01 -17.56 -6.03
CA PRO B 41 13.76 -17.77 -4.80
C PRO B 41 14.43 -19.15 -4.89
N SER B 42 15.71 -19.24 -4.55
CA SER B 42 16.42 -20.50 -4.59
C SER B 42 15.97 -21.43 -3.45
N GLY B 43 16.17 -22.72 -3.65
CA GLY B 43 15.81 -23.73 -2.66
C GLY B 43 16.86 -23.89 -1.58
N GLN B 44 17.27 -25.14 -1.36
CA GLN B 44 18.34 -25.46 -0.42
C GLN B 44 19.63 -24.73 -0.83
N PRO B 45 20.31 -24.09 0.14
CA PRO B 45 21.52 -23.34 -0.20
C PRO B 45 22.59 -24.16 -0.93
N TRP B 46 23.26 -23.49 -1.85
CA TRP B 46 24.41 -24.01 -2.57
C TRP B 46 25.59 -24.29 -1.61
N GLN B 47 25.86 -23.30 -0.75
CA GLN B 47 27.03 -23.33 0.12
C GLN B 47 26.70 -24.21 1.31
N LYS B 48 27.49 -25.25 1.52
CA LYS B 48 27.31 -26.15 2.65
C LYS B 48 27.44 -25.33 3.94
N GLY B 49 26.54 -25.58 4.90
CA GLY B 49 26.51 -24.85 6.17
C GLY B 49 25.76 -23.51 6.19
N ARG B 50 25.43 -22.96 5.03
CA ARG B 50 24.79 -21.64 4.97
C ARG B 50 23.38 -21.66 5.61
N GLN B 51 23.14 -20.72 6.52
CA GLN B 51 21.88 -20.63 7.27
C GLN B 51 21.03 -19.54 6.64
N VAL B 52 19.81 -19.91 6.26
CA VAL B 52 18.97 -19.11 5.41
C VAL B 52 17.58 -19.36 5.96
N SER B 53 16.72 -18.35 5.94
CA SER B 53 15.31 -18.54 6.32
C SER B 53 14.70 -19.63 5.47
N ALA B 54 13.76 -20.38 6.05
CA ALA B 54 13.06 -21.44 5.34
C ALA B 54 12.50 -20.95 4.00
N ALA B 55 12.60 -21.83 3.00
CA ALA B 55 12.15 -21.59 1.64
C ALA B 55 10.79 -20.90 1.56
N GLU B 56 9.80 -21.39 2.32
CA GLU B 56 8.46 -20.79 2.30
C GLU B 56 8.45 -19.34 2.72
N HIS B 57 9.23 -18.98 3.73
CA HIS B 57 9.32 -17.59 4.17
C HIS B 57 9.85 -16.70 3.05
N ARG B 58 10.89 -17.16 2.36
CA ARG B 58 11.52 -16.37 1.29
C ARG B 58 10.57 -16.27 0.11
N TYR B 59 9.86 -17.35 -0.19
CA TYR B 59 8.80 -17.38 -1.20
C TYR B 59 7.72 -16.37 -0.89
N LEU B 60 7.13 -16.43 0.31
CA LEU B 60 6.07 -15.52 0.71
C LEU B 60 6.51 -14.04 0.73
N MET B 61 7.71 -13.75 1.22
CA MET B 61 8.22 -12.36 1.18
C MET B 61 8.30 -11.84 -0.23
N THR B 62 8.74 -12.68 -1.17
CA THR B 62 8.84 -12.31 -2.58
C THR B 62 7.47 -12.09 -3.22
N VAL B 63 6.51 -12.94 -2.89
CA VAL B 63 5.14 -12.80 -3.39
C VAL B 63 4.54 -11.48 -2.91
N ILE B 64 4.79 -11.15 -1.66
CA ILE B 64 4.31 -9.90 -1.07
C ILE B 64 4.93 -8.68 -1.74
N ALA B 65 6.26 -8.73 -1.90
CA ALA B 65 7.01 -7.62 -2.51
C ALA B 65 6.63 -7.33 -3.96
N THR B 66 6.48 -8.39 -4.76
CA THR B 66 6.18 -8.28 -6.20
C THR B 66 4.68 -8.24 -6.52
N ALA B 67 3.83 -8.47 -5.53
CA ALA B 67 2.38 -8.57 -5.76
C ALA B 67 1.75 -7.45 -6.59
N SER B 68 2.05 -6.20 -6.23
CA SER B 68 1.43 -5.01 -6.84
C SER B 68 1.86 -4.71 -8.27
N ASN B 69 2.94 -5.34 -8.74
CA ASN B 69 3.47 -5.09 -10.09
C ASN B 69 2.89 -6.11 -11.09
N PRO B 70 2.12 -5.64 -12.10
CA PRO B 70 1.56 -6.57 -13.07
C PRO B 70 2.59 -7.35 -13.90
N ARG B 71 3.80 -6.84 -14.09
CA ARG B 71 4.80 -7.53 -14.88
C ARG B 71 5.76 -8.40 -14.04
N PHE B 72 5.51 -8.58 -12.74
CA PHE B 72 6.36 -9.42 -11.89
C PHE B 72 5.56 -10.63 -11.44
N SER B 73 6.19 -11.80 -11.36
CA SER B 73 5.55 -12.99 -10.78
C SER B 73 6.58 -13.74 -9.97
N VAL B 74 6.12 -14.78 -9.29
CA VAL B 74 7.01 -15.60 -8.46
C VAL B 74 6.81 -17.07 -8.85
N SER B 75 7.91 -17.79 -9.01
CA SER B 75 7.90 -19.23 -9.33
C SER B 75 8.47 -20.08 -8.20
N ARG B 76 7.88 -21.25 -8.01
CA ARG B 76 8.31 -22.23 -7.05
C ARG B 76 9.27 -23.30 -7.65
N VAL B 77 9.79 -23.13 -8.88
CA VAL B 77 10.56 -24.25 -9.47
C VAL B 77 11.80 -24.65 -8.69
N ASP B 78 12.51 -23.70 -8.08
CA ASP B 78 13.69 -24.04 -7.30
C ASP B 78 13.34 -24.58 -5.91
N ILE B 79 12.41 -23.92 -5.22
CA ILE B 79 12.06 -24.42 -3.87
C ILE B 79 11.33 -25.75 -3.86
N ASP B 80 10.64 -26.11 -4.95
CA ASP B 80 9.96 -27.43 -5.05
C ASP B 80 10.75 -28.51 -5.82
N ARG B 81 12.04 -28.32 -6.08
CA ARG B 81 12.76 -29.31 -6.91
C ARG B 81 13.27 -30.53 -6.09
N GLY B 82 14.01 -30.21 -5.02
CA GLY B 82 14.62 -31.23 -4.18
C GLY B 82 16.13 -31.12 -4.27
N GLY B 83 16.76 -30.67 -3.20
CA GLY B 83 18.21 -30.54 -3.12
C GLY B 83 18.69 -29.13 -3.46
N PRO B 84 20.01 -28.90 -3.35
CA PRO B 84 20.62 -27.61 -3.72
C PRO B 84 20.28 -27.13 -5.14
N THR B 85 20.10 -25.82 -5.29
CA THR B 85 19.66 -25.23 -6.54
C THR B 85 20.84 -25.10 -7.52
N TYR B 86 20.65 -25.67 -8.71
CA TYR B 86 21.55 -25.52 -9.84
C TYR B 86 20.79 -24.71 -10.90
N THR B 87 21.36 -23.58 -11.30
CA THR B 87 20.72 -22.70 -12.30
C THR B 87 20.33 -23.39 -13.60
N LYS B 88 21.09 -24.41 -14.03
CA LYS B 88 20.71 -25.17 -15.25
C LYS B 88 19.33 -25.85 -15.10
N ASP B 89 19.00 -26.27 -13.88
CA ASP B 89 17.69 -26.84 -13.59
C ASP B 89 16.60 -25.74 -13.60
N THR B 90 16.89 -24.61 -12.97
CA THR B 90 15.98 -23.46 -13.02
C THR B 90 15.63 -23.15 -14.47
N LEU B 91 16.65 -23.01 -15.31
CA LEU B 91 16.43 -22.66 -16.72
C LEU B 91 15.74 -23.73 -17.53
N ALA B 92 16.13 -25.00 -17.34
CA ALA B 92 15.41 -26.11 -17.99
C ALA B 92 13.91 -26.07 -17.64
N ASP B 93 13.59 -25.95 -16.34
CA ASP B 93 12.20 -25.90 -15.87
C ASP B 93 11.42 -24.74 -16.48
N LEU B 94 11.98 -23.53 -16.37
CA LEU B 94 11.28 -22.35 -16.91
C LEU B 94 11.17 -22.38 -18.45
N HIS B 95 12.16 -22.97 -19.11
CA HIS B 95 12.08 -23.20 -20.56
C HIS B 95 10.87 -24.09 -20.95
N ALA B 96 10.60 -25.14 -20.19
CA ALA B 96 9.42 -26.01 -20.45
C ALA B 96 8.07 -25.33 -20.15
N LEU B 97 8.03 -24.50 -19.11
CA LEU B 97 6.83 -23.72 -18.77
C LEU B 97 6.54 -22.58 -19.73
N HIS B 98 7.60 -21.96 -20.26
CA HIS B 98 7.48 -20.82 -21.16
C HIS B 98 8.28 -21.13 -22.46
N PRO B 99 7.78 -22.08 -23.28
CA PRO B 99 8.54 -22.54 -24.48
C PRO B 99 8.86 -21.46 -25.52
N ASP B 100 7.99 -20.47 -25.69
CA ASP B 100 8.14 -19.45 -26.74
C ASP B 100 8.74 -18.11 -26.29
N SER B 101 9.59 -18.12 -25.26
CA SER B 101 10.20 -16.90 -24.72
C SER B 101 11.71 -17.04 -24.61
N GLU B 102 12.45 -15.99 -24.95
CA GLU B 102 13.89 -15.92 -24.72
C GLU B 102 14.11 -15.58 -23.25
N LEU B 103 14.83 -16.44 -22.53
CA LEU B 103 15.08 -16.26 -21.10
C LEU B 103 16.29 -15.39 -20.84
N TYR B 104 16.12 -14.40 -19.96
CA TYR B 104 17.17 -13.54 -19.48
C TYR B 104 17.37 -13.79 -17.99
N PHE B 105 18.40 -14.55 -17.64
CA PHE B 105 18.67 -14.89 -16.24
C PHE B 105 19.45 -13.76 -15.63
N THR B 106 18.92 -13.22 -14.53
CA THR B 106 19.43 -12.00 -13.90
C THR B 106 19.72 -12.27 -12.43
N THR B 107 20.95 -11.97 -12.00
CA THR B 107 21.30 -12.06 -10.59
C THR B 107 22.49 -11.17 -10.31
N GLY B 108 22.94 -11.15 -9.06
CA GLY B 108 24.09 -10.32 -8.68
C GLY B 108 25.33 -10.76 -9.43
N ALA B 109 26.20 -9.81 -9.79
CA ALA B 109 27.42 -10.10 -10.55
C ALA B 109 28.36 -11.12 -9.90
N ASP B 110 28.49 -11.07 -8.58
CA ASP B 110 29.33 -12.02 -7.82
C ASP B 110 28.80 -13.44 -7.86
N ALA B 111 27.48 -13.59 -7.83
CA ALA B 111 26.86 -14.90 -7.96
C ALA B 111 27.01 -15.42 -9.38
N LEU B 112 26.94 -14.53 -10.36
CA LEU B 112 27.11 -14.91 -11.76
C LEU B 112 28.55 -15.32 -12.07
N ALA B 113 29.52 -14.64 -11.46
CA ALA B 113 30.92 -15.04 -11.59
C ALA B 113 31.13 -16.48 -11.07
N SER B 114 30.62 -16.73 -9.87
CA SER B 114 30.61 -18.09 -9.26
C SER B 114 29.96 -19.17 -10.14
N ILE B 115 28.76 -18.89 -10.67
CA ILE B 115 28.07 -19.82 -11.60
C ILE B 115 28.96 -20.14 -12.82
N MET B 116 29.50 -19.11 -13.44
CA MET B 116 30.33 -19.28 -14.65
C MET B 116 31.73 -19.86 -14.39
N SER B 117 32.19 -19.87 -13.14
CA SER B 117 33.53 -20.40 -12.81
C SER B 117 33.59 -21.94 -12.69
N TRP B 118 32.51 -22.64 -13.03
CA TRP B 118 32.53 -24.10 -13.16
C TRP B 118 32.03 -24.48 -14.55
N GLU B 122 28.86 -23.21 -20.13
CA GLU B 122 28.70 -23.39 -21.57
C GLU B 122 27.26 -23.75 -22.00
N GLU B 123 26.74 -24.88 -21.55
CA GLU B 123 25.34 -25.26 -21.85
C GLU B 123 24.27 -24.36 -21.17
N LEU B 124 24.68 -23.58 -20.16
CA LEU B 124 23.83 -22.51 -19.63
C LEU B 124 23.49 -21.46 -20.70
N PHE B 125 24.48 -21.14 -21.53
CA PHE B 125 24.33 -20.16 -22.59
C PHE B 125 23.43 -20.55 -23.76
N GLU B 126 23.12 -21.84 -23.93
CA GLU B 126 22.11 -22.20 -24.92
C GLU B 126 20.66 -22.15 -24.40
N LEU B 127 20.49 -22.02 -23.07
CA LEU B 127 19.18 -21.90 -22.43
C LEU B 127 18.74 -20.45 -22.15
N ALA B 128 19.70 -19.53 -22.02
CA ALA B 128 19.37 -18.16 -21.63
C ALA B 128 20.49 -17.18 -21.92
N ARG B 129 20.14 -15.90 -21.98
CA ARG B 129 21.10 -14.80 -21.88
C ARG B 129 21.25 -14.43 -20.40
N PHE B 130 22.38 -13.84 -20.02
CA PHE B 130 22.71 -13.60 -18.62
C PHE B 130 22.97 -12.13 -18.37
N VAL B 131 22.46 -11.63 -17.26
CA VAL B 131 22.63 -10.24 -16.83
C VAL B 131 23.13 -10.26 -15.38
N GLY B 132 24.29 -9.66 -15.14
CA GLY B 132 24.87 -9.53 -13.82
C GLY B 132 24.64 -8.11 -13.35
N VAL B 133 24.03 -7.94 -12.18
CA VAL B 133 23.76 -6.60 -11.66
C VAL B 133 24.64 -6.36 -10.45
N SER B 134 25.19 -5.16 -10.33
CA SER B 134 25.99 -4.81 -9.14
C SER B 134 25.78 -3.40 -8.71
N ARG B 135 26.20 -3.08 -7.48
CA ARG B 135 26.31 -1.71 -7.02
C ARG B 135 27.52 -1.06 -7.72
N PRO B 136 27.50 0.27 -7.92
CA PRO B 136 28.53 0.88 -8.81
C PRO B 136 29.97 0.72 -8.27
N GLY B 137 30.90 0.32 -9.15
CA GLY B 137 32.24 -0.15 -8.76
C GLY B 137 32.75 -1.25 -9.68
N ALA B 156 24.89 -11.79 -24.85
CA ALA B 156 25.19 -13.11 -24.25
C ALA B 156 25.32 -13.04 -22.72
N LEU B 157 26.26 -12.20 -22.28
CA LEU B 157 26.43 -11.84 -20.87
C LEU B 157 26.63 -10.33 -20.81
N THR B 158 25.91 -9.64 -19.92
CA THR B 158 25.97 -8.18 -19.80
C THR B 158 26.01 -7.80 -18.33
N LEU B 159 26.86 -6.85 -17.98
CA LEU B 159 26.92 -6.28 -16.64
C LEU B 159 26.25 -4.91 -16.58
N VAL B 160 25.46 -4.69 -15.53
CA VAL B 160 24.71 -3.44 -15.35
C VAL B 160 24.88 -2.94 -13.92
N GLU B 161 25.32 -1.70 -13.76
CA GLU B 161 25.51 -1.08 -12.44
C GLU B 161 24.21 -0.39 -12.01
N ILE B 162 23.74 -0.70 -10.79
CA ILE B 162 22.44 -0.21 -10.26
C ILE B 162 22.75 0.44 -8.90
N PRO B 163 22.68 1.78 -8.80
CA PRO B 163 22.97 2.44 -7.50
C PRO B 163 22.19 1.90 -6.30
N ALA B 164 20.93 1.56 -6.51
CA ALA B 164 20.08 1.05 -5.44
C ALA B 164 20.52 -0.30 -4.85
N LEU B 165 21.32 -1.07 -5.58
CA LEU B 165 21.91 -2.32 -5.03
C LEU B 165 22.92 -2.10 -3.90
N ALA B 166 23.25 -0.85 -3.58
CA ALA B 166 23.87 -0.52 -2.29
C ALA B 166 23.09 -1.09 -1.12
N ILE B 167 21.78 -1.19 -1.28
CA ILE B 167 20.94 -1.88 -0.33
C ILE B 167 21.21 -3.38 -0.47
N SER B 168 21.48 -4.04 0.66
CA SER B 168 21.79 -5.48 0.64
C SER B 168 20.94 -6.24 1.63
N SER B 169 20.75 -7.52 1.34
CA SER B 169 20.00 -8.36 2.25
C SER B 169 20.80 -8.55 3.57
N THR B 170 22.13 -8.53 3.48
CA THR B 170 22.99 -8.64 4.66
C THR B 170 22.79 -7.46 5.60
N ASP B 171 22.71 -6.24 5.06
CA ASP B 171 22.40 -5.07 5.86
C ASP B 171 21.01 -5.20 6.50
N CYS B 172 20.02 -5.65 5.72
CA CYS B 172 18.66 -5.79 6.26
C CYS B 172 18.59 -6.79 7.44
N ARG B 173 19.23 -7.95 7.32
CA ARG B 173 19.24 -8.94 8.42
C ARG B 173 19.91 -8.35 9.66
N GLN B 174 21.07 -7.72 9.45
CA GLN B 174 21.80 -7.06 10.53
C GLN B 174 20.98 -6.01 11.24
N ARG B 175 20.25 -5.19 10.49
CA ARG B 175 19.35 -4.20 11.06
C ARG B 175 18.22 -4.82 11.89
N ALA B 176 17.65 -5.91 11.36
CA ALA B 176 16.62 -6.65 12.07
C ALA B 176 17.17 -7.22 13.40
N GLU B 177 18.34 -7.83 13.35
CA GLU B 177 19.04 -8.37 14.55
C GLU B 177 19.33 -7.28 15.60
N GLN B 178 19.62 -6.07 15.13
CA GLN B 178 19.87 -4.90 15.97
C GLN B 178 18.61 -4.10 16.34
N SER B 179 17.42 -4.59 16.01
CA SER B 179 16.15 -3.87 16.26
C SER B 179 16.12 -2.47 15.64
N ARG B 180 16.77 -2.30 14.50
CA ARG B 180 16.77 -1.04 13.78
C ARG B 180 15.72 -1.11 12.66
N PRO B 181 15.10 0.04 12.32
CA PRO B 181 13.98 0.02 11.39
C PRO B 181 14.35 -0.37 9.95
N LEU B 182 13.52 -1.22 9.33
CA LEU B 182 13.68 -1.62 7.93
C LEU B 182 12.84 -0.78 6.94
N TRP B 183 12.10 0.21 7.45
CA TRP B 183 11.20 1.00 6.62
C TRP B 183 11.92 1.66 5.47
N TYR B 184 11.33 1.61 4.29
CA TYR B 184 11.84 2.24 3.08
C TYR B 184 13.05 1.53 2.44
N LEU B 185 13.55 0.46 3.05
CA LEU B 185 14.53 -0.41 2.41
C LEU B 185 13.83 -1.54 1.63
N MET B 186 12.58 -1.80 1.95
CA MET B 186 11.81 -2.85 1.34
C MET B 186 10.34 -2.51 1.53
N PRO B 187 9.42 -3.17 0.80
CA PRO B 187 8.01 -2.87 0.98
C PRO B 187 7.50 -3.13 2.40
N ASP B 188 6.54 -2.31 2.84
CA ASP B 188 5.87 -2.43 4.15
C ASP B 188 5.45 -3.87 4.49
N GLY B 189 4.87 -4.57 3.51
CA GLY B 189 4.43 -5.96 3.71
C GLY B 189 5.58 -6.89 4.10
N VAL B 190 6.76 -6.67 3.52
CA VAL B 190 7.93 -7.47 3.81
C VAL B 190 8.51 -7.07 5.15
N VAL B 191 8.54 -5.78 5.44
CA VAL B 191 8.99 -5.31 6.75
C VAL B 191 8.19 -6.03 7.84
N GLN B 192 6.87 -6.05 7.69
CA GLN B 192 5.98 -6.69 8.65
C GLN B 192 6.12 -8.19 8.68
N TYR B 193 6.35 -8.82 7.52
CA TYR B 193 6.56 -10.27 7.52
C TYR B 193 7.75 -10.63 8.37
N VAL B 194 8.84 -9.88 8.17
CA VAL B 194 10.09 -10.09 8.90
C VAL B 194 9.82 -10.00 10.40
N SER B 195 9.12 -8.95 10.81
CA SER B 195 8.77 -8.76 12.22
C SER B 195 7.81 -9.85 12.74
N LYS B 196 6.70 -10.06 12.04
CA LYS B 196 5.67 -11.01 12.48
C LYS B 196 6.21 -12.43 12.65
N ARG B 197 7.06 -12.87 11.73
CA ARG B 197 7.63 -14.21 11.78
C ARG B 197 9.00 -14.28 12.45
N ARG B 198 9.50 -13.16 13.00
CA ARG B 198 10.74 -13.14 13.79
C ARG B 198 11.93 -13.77 13.05
N LEU B 199 12.06 -13.45 11.76
CA LEU B 199 13.05 -14.11 10.89
C LEU B 199 14.52 -13.94 11.27
N TYR B 200 14.91 -12.76 11.73
CA TYR B 200 16.34 -12.54 12.01
C TYR B 200 16.59 -12.23 13.48
N THR B 201 15.66 -12.63 14.34
CA THR B 201 15.83 -12.53 15.80
C THR B 201 15.76 -13.97 16.30
N GLY C 1 11.05 10.83 23.22
CA GLY C 1 11.53 9.42 23.38
C GLY C 1 12.27 9.25 24.68
N ALA C 2 13.09 8.20 24.74
CA ALA C 2 13.83 7.84 25.96
C ALA C 2 14.81 8.91 26.42
N MET C 3 15.24 9.77 25.49
CA MET C 3 16.16 10.89 25.78
C MET C 3 15.46 12.25 25.83
N GLY C 4 14.15 12.28 26.11
CA GLY C 4 13.34 13.53 26.14
C GLY C 4 12.74 13.93 24.80
N ARG C 5 12.10 15.09 24.74
CA ARG C 5 11.46 15.54 23.49
C ARG C 5 12.49 15.96 22.42
N ARG C 6 12.49 15.26 21.29
CA ARG C 6 13.40 15.54 20.19
C ARG C 6 12.71 15.50 18.82
N LEU C 7 13.01 16.49 18.00
CA LEU C 7 12.37 16.68 16.72
C LEU C 7 13.41 16.76 15.59
N GLY C 8 13.33 15.81 14.67
CA GLY C 8 14.12 15.86 13.45
C GLY C 8 13.62 16.93 12.51
N VAL C 9 14.55 17.60 11.84
CA VAL C 9 14.22 18.58 10.82
C VAL C 9 15.01 18.15 9.60
N MET C 10 14.30 17.66 8.60
CA MET C 10 14.90 17.07 7.42
C MET C 10 14.83 18.15 6.35
N GLY C 11 15.93 18.86 6.19
CA GLY C 11 16.03 19.98 5.27
C GLY C 11 16.58 19.57 3.92
N GLY C 12 15.84 19.89 2.86
CA GLY C 12 16.30 19.57 1.51
C GLY C 12 15.42 20.16 0.42
N THR C 13 15.86 19.99 -0.83
CA THR C 13 15.11 20.47 -1.97
C THR C 13 14.04 19.47 -2.35
N PHE C 14 14.39 18.19 -2.36
CA PHE C 14 13.42 17.11 -2.63
C PHE C 14 12.81 17.28 -4.03
N ASP C 15 13.68 17.23 -5.04
CA ASP C 15 13.30 17.42 -6.43
C ASP C 15 13.80 16.27 -7.35
N PRO C 16 13.21 15.06 -7.21
CA PRO C 16 12.18 14.70 -6.26
C PRO C 16 12.73 14.03 -5.03
N ILE C 17 11.85 13.91 -4.05
CA ILE C 17 12.03 13.03 -2.91
C ILE C 17 12.06 11.57 -3.37
N HIS C 18 12.85 10.75 -2.65
CA HIS C 18 13.06 9.35 -2.99
C HIS C 18 13.32 8.55 -1.71
N TYR C 19 13.47 7.23 -1.85
CA TYR C 19 13.64 6.33 -0.71
C TYR C 19 14.93 6.56 0.06
N GLY C 20 15.97 7.01 -0.64
CA GLY C 20 17.14 7.56 0.02
C GLY C 20 16.84 8.49 1.19
N HIS C 21 16.03 9.50 0.93
CA HIS C 21 15.70 10.51 1.93
C HIS C 21 14.89 9.88 3.06
N LEU C 22 13.98 9.00 2.67
CA LEU C 22 13.04 8.39 3.60
C LEU C 22 13.79 7.40 4.48
N VAL C 23 14.71 6.63 3.90
CA VAL C 23 15.60 5.77 4.67
C VAL C 23 16.45 6.62 5.62
N ALA C 24 17.07 7.70 5.12
CA ALA C 24 17.92 8.54 6.00
C ALA C 24 17.15 9.07 7.22
N ALA C 25 15.95 9.60 6.98
CA ALA C 25 15.12 10.17 8.05
C ALA C 25 14.74 9.11 9.07
N SER C 26 14.37 7.93 8.58
CA SER C 26 14.03 6.80 9.43
C SER C 26 15.21 6.34 10.30
N GLU C 27 16.40 6.22 9.72
CA GLU C 27 17.60 5.80 10.46
C GLU C 27 18.07 6.84 11.50
N VAL C 28 18.06 8.12 11.11
CA VAL C 28 18.41 9.21 12.00
C VAL C 28 17.45 9.28 13.20
N ALA C 29 16.14 9.12 12.94
CA ALA C 29 15.13 9.06 13.99
C ALA C 29 15.43 7.97 15.02
N ASP C 30 15.76 6.79 14.53
CA ASP C 30 16.11 5.67 15.39
C ASP C 30 17.40 5.93 16.18
N LEU C 31 18.41 6.43 15.48
CA LEU C 31 19.72 6.68 16.07
C LEU C 31 19.71 7.70 17.20
N PHE C 32 18.91 8.75 17.04
CA PHE C 32 18.87 9.85 17.99
C PHE C 32 17.56 9.89 18.78
N ASP C 33 16.80 8.79 18.79
CA ASP C 33 15.57 8.72 19.57
C ASP C 33 14.64 9.91 19.29
N LEU C 34 14.43 10.24 18.03
CA LEU C 34 13.54 11.34 17.66
C LEU C 34 12.09 10.91 17.71
N ASP C 35 11.23 11.83 18.14
CA ASP C 35 9.78 11.64 18.22
C ASP C 35 9.12 11.76 16.86
N GLU C 36 9.63 12.69 16.06
CA GLU C 36 9.07 13.03 14.76
C GLU C 36 10.19 13.57 13.91
N VAL C 37 10.01 13.51 12.59
CA VAL C 37 10.89 14.12 11.63
C VAL C 37 9.98 14.97 10.76
N VAL C 38 10.18 16.30 10.80
CA VAL C 38 9.45 17.23 9.95
C VAL C 38 10.30 17.51 8.72
N PHE C 39 9.75 17.22 7.54
CA PHE C 39 10.43 17.45 6.26
C PHE C 39 10.16 18.89 5.84
N VAL C 40 11.21 19.63 5.51
CA VAL C 40 11.08 21.04 5.16
C VAL C 40 11.65 21.27 3.76
N PRO C 41 10.78 21.27 2.74
CA PRO C 41 11.25 21.62 1.39
C PRO C 41 11.74 23.06 1.35
N SER C 42 12.91 23.29 0.77
CA SER C 42 13.46 24.64 0.68
C SER C 42 12.60 25.51 -0.23
N GLY C 43 12.61 26.81 0.03
CA GLY C 43 11.77 27.77 -0.70
C GLY C 43 12.27 28.12 -2.09
N GLN C 44 13.54 28.52 -2.16
CA GLN C 44 14.18 28.92 -3.42
C GLN C 44 15.57 28.27 -3.54
N PRO C 45 16.05 28.05 -4.78
CA PRO C 45 17.38 27.47 -4.98
C PRO C 45 18.50 28.47 -4.73
N VAL C 52 14.96 24.14 -11.10
CA VAL C 52 14.33 23.50 -9.92
C VAL C 52 12.80 23.63 -9.97
N SER C 53 12.09 22.53 -9.73
CA SER C 53 10.63 22.50 -9.83
C SER C 53 10.01 23.50 -8.88
N ALA C 54 8.85 24.02 -9.24
CA ALA C 54 8.13 24.95 -8.38
C ALA C 54 7.95 24.36 -6.97
N ALA C 55 7.94 25.23 -5.99
CA ALA C 55 7.95 24.78 -4.62
C ALA C 55 6.71 23.92 -4.26
N GLU C 56 5.53 24.22 -4.80
CA GLU C 56 4.33 23.40 -4.55
C GLU C 56 4.48 21.95 -5.02
N HIS C 57 5.15 21.72 -6.14
CA HIS C 57 5.43 20.39 -6.64
C HIS C 57 6.29 19.62 -5.66
N ARG C 58 7.29 20.30 -5.13
CA ARG C 58 8.23 19.66 -4.25
C ARG C 58 7.56 19.44 -2.90
N TYR C 59 6.73 20.37 -2.47
CA TYR C 59 5.89 20.19 -1.28
C TYR C 59 4.92 19.02 -1.43
N LEU C 60 4.20 18.96 -2.56
CA LEU C 60 3.20 17.89 -2.71
C LEU C 60 3.87 16.50 -2.77
N MET C 61 4.96 16.40 -3.51
CA MET C 61 5.72 15.15 -3.57
C MET C 61 6.14 14.66 -2.19
N THR C 62 6.63 15.58 -1.35
CA THR C 62 7.02 15.25 0.03
C THR C 62 5.82 14.84 0.90
N VAL C 63 4.68 15.50 0.70
CA VAL C 63 3.44 15.15 1.43
C VAL C 63 3.02 13.73 1.06
N ILE C 64 3.02 13.46 -0.24
CA ILE C 64 2.64 12.14 -0.74
C ILE C 64 3.58 11.06 -0.18
N ALA C 65 4.88 11.31 -0.25
CA ALA C 65 5.89 10.33 0.19
C ALA C 65 5.86 9.99 1.66
N THR C 66 5.52 10.99 2.49
CA THR C 66 5.59 10.85 3.94
C THR C 66 4.23 10.61 4.59
N ALA C 67 3.15 10.71 3.83
CA ALA C 67 1.79 10.65 4.39
C ALA C 67 1.55 9.41 5.24
N SER C 68 1.97 8.24 4.76
CA SER C 68 1.71 6.98 5.46
C SER C 68 2.48 6.78 6.80
N ASN C 69 3.51 7.59 7.07
CA ASN C 69 4.32 7.41 8.27
C ASN C 69 3.75 8.26 9.41
N PRO C 70 3.35 7.64 10.53
CA PRO C 70 2.78 8.42 11.61
C PRO C 70 3.74 9.43 12.27
N ARG C 71 5.03 9.27 12.05
CA ARG C 71 6.05 10.05 12.70
C ARG C 71 6.79 10.99 11.75
N PHE C 72 6.31 11.15 10.51
CA PHE C 72 6.81 12.15 9.58
C PHE C 72 5.75 13.21 9.34
N SER C 73 6.20 14.44 9.12
CA SER C 73 5.34 15.53 8.67
C SER C 73 6.09 16.41 7.70
N VAL C 74 5.34 17.32 7.08
CA VAL C 74 5.91 18.28 6.15
C VAL C 74 5.50 19.68 6.58
N SER C 75 6.46 20.59 6.62
CA SER C 75 6.24 21.98 6.98
C SER C 75 6.45 22.91 5.77
N ARG C 76 5.62 23.95 5.72
CA ARG C 76 5.72 24.99 4.71
C ARG C 76 6.52 26.22 5.17
N VAL C 77 7.21 26.17 6.31
CA VAL C 77 7.88 27.37 6.82
C VAL C 77 8.82 28.07 5.79
N ASP C 78 9.69 27.30 5.10
CA ASP C 78 10.64 27.87 4.14
C ASP C 78 9.97 28.29 2.83
N ILE C 79 8.95 27.56 2.37
CA ILE C 79 8.20 27.94 1.16
C ILE C 79 7.40 29.23 1.34
N ASP C 80 6.68 29.30 2.45
CA ASP C 80 5.83 30.45 2.73
C ASP C 80 6.56 31.71 3.21
N ARG C 81 7.84 31.61 3.59
CA ARG C 81 8.55 32.77 4.09
C ARG C 81 8.76 33.79 2.97
N GLY C 82 9.11 33.28 1.79
CA GLY C 82 9.39 34.14 0.65
C GLY C 82 10.82 34.62 0.73
N GLY C 83 11.40 34.87 -0.44
CA GLY C 83 12.82 35.17 -0.54
C GLY C 83 13.65 33.90 -0.42
N PRO C 84 14.99 34.02 -0.49
CA PRO C 84 15.90 32.87 -0.31
C PRO C 84 15.79 32.18 1.07
N THR C 85 15.95 30.85 1.10
CA THR C 85 15.88 30.07 2.35
C THR C 85 17.19 30.09 3.15
N TYR C 86 17.11 30.53 4.42
CA TYR C 86 18.23 30.43 5.37
C TYR C 86 17.88 29.51 6.54
N THR C 87 18.77 28.57 6.84
CA THR C 87 18.51 27.56 7.85
C THR C 87 18.36 28.13 9.25
N LYS C 88 18.98 29.27 9.54
CA LYS C 88 18.73 29.92 10.82
C LYS C 88 17.25 30.29 10.96
N ASP C 89 16.62 30.71 9.85
CA ASP C 89 15.19 31.05 9.85
C ASP C 89 14.28 29.81 9.99
N THR C 90 14.64 28.72 9.30
CA THR C 90 13.95 27.43 9.42
C THR C 90 13.86 27.04 10.88
N LEU C 91 15.01 27.04 11.55
CA LEU C 91 15.11 26.61 12.94
C LEU C 91 14.41 27.53 13.92
N ALA C 92 14.44 28.85 13.68
CA ALA C 92 13.75 29.78 14.58
C ALA C 92 12.23 29.57 14.51
N ASP C 93 11.72 29.42 13.29
CA ASP C 93 10.30 29.13 13.05
C ASP C 93 9.87 27.84 13.74
N LEU C 94 10.63 26.75 13.53
CA LEU C 94 10.26 25.46 14.13
C LEU C 94 10.38 25.47 15.65
N HIS C 95 11.37 26.21 16.17
CA HIS C 95 11.49 26.38 17.62
C HIS C 95 10.22 27.02 18.23
N ALA C 96 9.70 28.06 17.60
CA ALA C 96 8.47 28.71 18.07
C ALA C 96 7.28 27.74 18.05
N LEU C 97 7.20 26.91 17.02
CA LEU C 97 6.14 25.90 16.93
C LEU C 97 6.30 24.76 17.94
N HIS C 98 7.54 24.38 18.26
CA HIS C 98 7.83 23.20 19.10
C HIS C 98 8.86 23.53 20.18
N PRO C 99 8.54 24.51 21.06
CA PRO C 99 9.57 25.10 21.95
C PRO C 99 10.21 24.13 22.95
N ASP C 100 9.45 23.10 23.35
CA ASP C 100 9.91 22.09 24.29
C ASP C 100 10.73 20.97 23.67
N SER C 101 11.00 21.00 22.35
CA SER C 101 11.82 19.94 21.71
C SER C 101 13.22 20.40 21.34
N GLU C 102 14.22 19.55 21.59
CA GLU C 102 15.56 19.72 21.01
C GLU C 102 15.47 19.42 19.50
N LEU C 103 15.97 20.33 18.67
CA LEU C 103 15.93 20.17 17.21
C LEU C 103 17.21 19.48 16.71
N TYR C 104 17.03 18.57 15.76
CA TYR C 104 18.14 17.84 15.13
C TYR C 104 17.98 18.07 13.64
N PHE C 105 18.69 19.08 13.15
CA PHE C 105 18.66 19.44 11.74
C PHE C 105 19.50 18.45 10.94
N THR C 106 18.89 17.87 9.91
CA THR C 106 19.46 16.77 9.14
C THR C 106 19.39 17.12 7.68
N THR C 107 20.53 17.07 7.00
CA THR C 107 20.57 17.20 5.54
C THR C 107 21.79 16.46 4.95
N GLY C 108 21.98 16.49 3.64
CA GLY C 108 23.12 15.80 3.03
C GLY C 108 24.44 16.39 3.52
N ALA C 109 25.44 15.53 3.69
CA ALA C 109 26.73 15.93 4.24
C ALA C 109 27.40 17.10 3.48
N ASP C 110 27.29 17.13 2.15
CA ASP C 110 27.84 18.23 1.35
C ASP C 110 27.19 19.55 1.68
N ALA C 111 25.86 19.59 1.67
CA ALA C 111 25.15 20.82 2.03
C ALA C 111 25.54 21.29 3.44
N LEU C 112 25.75 20.35 4.35
CA LEU C 112 26.07 20.69 5.71
C LEU C 112 27.49 21.29 5.87
N ALA C 113 28.42 20.89 5.00
CA ALA C 113 29.73 21.54 4.95
C ALA C 113 29.56 23.03 4.71
N SER C 114 28.95 23.40 3.58
CA SER C 114 28.73 24.80 3.21
C SER C 114 28.03 25.63 4.31
N ILE C 115 26.73 25.39 4.58
CA ILE C 115 25.93 26.12 5.61
C ILE C 115 26.78 26.69 6.77
N MET C 116 27.65 25.84 7.33
CA MET C 116 28.48 26.22 8.49
C MET C 116 29.55 27.31 8.28
N SER C 117 29.83 27.65 7.03
CA SER C 117 30.72 28.77 6.68
C SER C 117 29.91 29.98 6.25
N GLU C 122 28.13 29.86 14.36
CA GLU C 122 28.16 29.55 15.79
C GLU C 122 26.78 29.60 16.44
N GLU C 123 25.96 30.57 16.02
CA GLU C 123 24.60 30.71 16.56
C GLU C 123 23.70 29.53 16.20
N LEU C 124 23.88 28.97 14.99
CA LEU C 124 23.16 27.76 14.57
C LEU C 124 23.30 26.64 15.58
N PHE C 125 24.48 26.50 16.16
CA PHE C 125 24.76 25.40 17.08
C PHE C 125 24.05 25.49 18.41
N GLU C 126 23.67 26.68 18.85
CA GLU C 126 22.88 26.80 20.08
C GLU C 126 21.36 26.71 19.83
N LEU C 127 20.94 26.71 18.55
CA LEU C 127 19.55 26.47 18.18
C LEU C 127 19.24 24.98 17.89
N ALA C 128 20.26 24.20 17.54
CA ALA C 128 20.06 22.83 17.04
C ALA C 128 21.34 22.00 17.02
N ARG C 129 21.18 20.67 17.16
CA ARG C 129 22.21 19.70 16.81
C ARG C 129 22.12 19.41 15.32
N PHE C 130 23.21 18.93 14.72
CA PHE C 130 23.28 18.73 13.27
C PHE C 130 23.72 17.33 12.88
N VAL C 131 23.03 16.80 11.87
CA VAL C 131 23.35 15.49 11.31
C VAL C 131 23.52 15.63 9.81
N GLY C 132 24.67 15.18 9.33
CA GLY C 132 24.99 15.13 7.92
C GLY C 132 24.91 13.68 7.48
N VAL C 133 24.06 13.42 6.49
CA VAL C 133 23.90 12.06 5.97
C VAL C 133 24.58 11.96 4.60
N SER C 134 25.12 10.80 4.28
CA SER C 134 25.82 10.59 2.99
C SER C 134 25.81 9.14 2.56
N ARG C 135 25.98 8.94 1.25
CA ARG C 135 26.23 7.62 0.67
C ARG C 135 27.67 7.17 0.98
N PRO C 136 27.95 5.85 0.97
CA PRO C 136 29.30 5.39 1.35
C PRO C 136 30.38 5.54 0.24
N ALA C 156 26.05 16.81 18.79
CA ALA C 156 26.93 17.89 18.39
C ALA C 156 26.85 18.13 16.85
N LEU C 157 27.84 17.66 16.09
CA LEU C 157 27.77 17.52 14.63
C LEU C 157 28.19 16.08 14.30
N THR C 158 27.31 15.32 13.64
CA THR C 158 27.47 13.89 13.49
C THR C 158 27.27 13.52 12.03
N LEU C 159 28.19 12.73 11.49
CA LEU C 159 28.11 12.26 10.12
C LEU C 159 27.62 10.82 10.13
N VAL C 160 26.62 10.50 9.30
CA VAL C 160 26.03 9.16 9.27
C VAL C 160 25.98 8.67 7.83
N GLU C 161 26.51 7.46 7.61
CA GLU C 161 26.60 6.88 6.29
C GLU C 161 25.35 6.03 6.08
N ILE C 162 24.68 6.24 4.94
CA ILE C 162 23.39 5.63 4.61
C ILE C 162 23.51 5.01 3.22
N PRO C 163 23.62 3.66 3.12
CA PRO C 163 23.73 3.01 1.80
C PRO C 163 22.66 3.41 0.79
N ALA C 164 21.41 3.52 1.25
CA ALA C 164 20.29 3.89 0.40
C ALA C 164 20.45 5.26 -0.28
N LEU C 165 21.29 6.13 0.28
CA LEU C 165 21.59 7.44 -0.32
C LEU C 165 22.41 7.38 -1.61
N ALA C 166 22.80 6.17 -2.02
CA ALA C 166 23.27 5.96 -3.41
C ALA C 166 22.19 6.36 -4.42
N ILE C 167 20.92 6.25 -4.02
CA ILE C 167 19.80 6.75 -4.78
C ILE C 167 19.84 8.27 -4.68
N SER C 168 19.78 8.95 -5.82
CA SER C 168 19.93 10.41 -5.83
C SER C 168 18.85 11.02 -6.68
N SER C 169 18.52 12.27 -6.37
CA SER C 169 17.47 12.97 -7.07
C SER C 169 17.90 13.30 -8.51
N THR C 170 19.21 13.51 -8.71
CA THR C 170 19.80 13.69 -10.06
C THR C 170 19.51 12.49 -10.95
N ASP C 171 19.82 11.27 -10.48
CA ASP C 171 19.52 10.06 -11.27
C ASP C 171 18.03 9.95 -11.53
N CYS C 172 17.20 10.24 -10.52
CA CYS C 172 15.75 10.20 -10.68
C CYS C 172 15.28 11.16 -11.79
N ARG C 173 15.77 12.40 -11.79
CA ARG C 173 15.43 13.34 -12.86
C ARG C 173 15.91 12.86 -14.22
N GLN C 174 17.15 12.40 -14.29
CA GLN C 174 17.68 11.81 -15.53
C GLN C 174 16.86 10.64 -16.06
N ARG C 175 16.39 9.74 -15.19
CA ARG C 175 15.57 8.61 -15.65
C ARG C 175 14.24 9.10 -16.23
N ALA C 176 13.58 9.98 -15.50
CA ALA C 176 12.34 10.61 -15.98
C ALA C 176 12.55 11.33 -17.32
N GLU C 177 13.67 12.05 -17.47
CA GLU C 177 14.04 12.70 -18.75
C GLU C 177 14.09 11.74 -19.92
N GLN C 178 14.63 10.55 -19.66
CA GLN C 178 14.83 9.52 -20.68
C GLN C 178 13.70 8.48 -20.71
N SER C 179 12.60 8.73 -19.99
CA SER C 179 11.46 7.81 -19.91
C SER C 179 11.79 6.42 -19.38
N ARG C 180 12.71 6.37 -18.42
CA ARG C 180 13.06 5.10 -17.81
C ARG C 180 12.32 5.04 -16.48
N PRO C 181 11.96 3.82 -16.06
CA PRO C 181 11.03 3.71 -14.92
C PRO C 181 11.62 4.15 -13.57
N LEU C 182 10.76 4.77 -12.76
CA LEU C 182 11.13 5.19 -11.42
C LEU C 182 10.63 4.24 -10.34
N TRP C 183 9.95 3.17 -10.72
CA TRP C 183 9.43 2.20 -9.73
C TRP C 183 10.52 1.72 -8.74
N TYR C 184 10.14 1.73 -7.47
CA TYR C 184 10.97 1.23 -6.40
C TYR C 184 12.15 2.11 -6.00
N LEU C 185 12.32 3.25 -6.66
CA LEU C 185 13.27 4.28 -6.22
C LEU C 185 12.61 5.27 -5.29
N MET C 186 11.29 5.34 -5.33
CA MET C 186 10.49 6.28 -4.55
C MET C 186 9.09 5.64 -4.44
N PRO C 187 8.24 6.17 -3.54
CA PRO C 187 6.86 5.70 -3.48
C PRO C 187 6.11 5.87 -4.80
N ASP C 188 5.23 4.92 -5.07
CA ASP C 188 4.33 4.97 -6.26
C ASP C 188 3.65 6.31 -6.45
N GLY C 189 3.19 6.93 -5.36
CA GLY C 189 2.54 8.24 -5.43
C GLY C 189 3.45 9.34 -5.99
N VAL C 190 4.73 9.30 -5.68
CA VAL C 190 5.68 10.28 -6.23
C VAL C 190 6.00 9.92 -7.68
N VAL C 191 6.13 8.62 -7.97
CA VAL C 191 6.33 8.17 -9.35
C VAL C 191 5.24 8.74 -10.23
N GLN C 192 3.99 8.58 -9.80
CA GLN C 192 2.83 9.05 -10.52
C GLN C 192 2.69 10.56 -10.53
N TYR C 193 3.16 11.24 -9.48
CA TYR C 193 3.18 12.70 -9.47
C TYR C 193 4.13 13.25 -10.54
N VAL C 194 5.36 12.72 -10.55
CA VAL C 194 6.36 13.11 -11.54
C VAL C 194 5.82 12.90 -12.97
N SER C 195 5.18 11.76 -13.20
CA SER C 195 4.63 11.41 -14.51
C SER C 195 3.44 12.30 -14.90
N LYS C 196 2.44 12.40 -14.03
CA LYS C 196 1.23 13.21 -14.28
C LYS C 196 1.47 14.71 -14.44
N ARG C 197 2.36 15.30 -13.63
CA ARG C 197 2.70 16.72 -13.78
C ARG C 197 3.84 16.98 -14.79
N ARG C 198 4.40 15.91 -15.34
CA ARG C 198 5.44 15.96 -16.36
C ARG C 198 6.63 16.80 -15.90
N LEU C 199 7.12 16.52 -14.69
CA LEU C 199 8.07 17.42 -14.02
C LEU C 199 9.46 17.60 -14.67
N TYR C 200 10.03 16.55 -15.24
CA TYR C 200 11.44 16.63 -15.71
C TYR C 200 11.61 16.38 -17.21
N THR C 201 10.53 16.47 -17.98
CA THR C 201 10.61 16.24 -19.42
C THR C 201 10.93 17.54 -20.16
N GLY D 1 -4.15 -7.20 25.75
CA GLY D 1 -5.13 -6.12 25.49
C GLY D 1 -5.79 -5.65 26.76
N ALA D 2 -6.60 -4.59 26.64
CA ALA D 2 -7.25 -3.94 27.77
C ALA D 2 -8.13 -4.87 28.60
N MET D 3 -8.66 -5.94 28.01
CA MET D 3 -9.42 -6.95 28.76
C MET D 3 -8.75 -8.33 28.82
N GLY D 4 -7.42 -8.36 28.65
CA GLY D 4 -6.62 -9.57 28.72
C GLY D 4 -6.14 -10.08 27.38
N ARG D 5 -5.60 -11.30 27.38
CA ARG D 5 -5.12 -11.95 26.17
C ARG D 5 -6.31 -12.43 25.32
N ARG D 6 -6.51 -11.80 24.18
CA ARG D 6 -7.58 -12.13 23.23
C ARG D 6 -7.04 -12.20 21.80
N LEU D 7 -7.45 -13.24 21.08
CA LEU D 7 -7.07 -13.48 19.70
C LEU D 7 -8.34 -13.56 18.88
N GLY D 8 -8.41 -12.70 17.87
CA GLY D 8 -9.45 -12.78 16.85
C GLY D 8 -9.15 -13.92 15.90
N VAL D 9 -10.19 -14.69 15.56
CA VAL D 9 -10.12 -15.73 14.54
C VAL D 9 -11.16 -15.38 13.46
N MET D 10 -10.67 -15.02 12.31
CA MET D 10 -11.46 -14.50 11.23
C MET D 10 -11.57 -15.59 10.17
N GLY D 11 -12.68 -16.33 10.24
CA GLY D 11 -12.91 -17.53 9.44
C GLY D 11 -13.68 -17.16 8.20
N GLY D 12 -13.16 -17.56 7.06
CA GLY D 12 -13.88 -17.34 5.80
C GLY D 12 -13.24 -18.05 4.61
N THR D 13 -14.00 -18.15 3.53
CA THR D 13 -13.47 -18.73 2.31
C THR D 13 -12.50 -17.74 1.63
N PHE D 14 -12.81 -16.45 1.70
CA PHE D 14 -11.95 -15.36 1.18
C PHE D 14 -11.64 -15.54 -0.32
N ASP D 15 -12.71 -15.53 -1.14
CA ASP D 15 -12.57 -15.83 -2.58
C ASP D 15 -13.26 -14.78 -3.46
N PRO D 16 -12.69 -13.57 -3.54
CA PRO D 16 -11.46 -13.11 -2.88
C PRO D 16 -11.69 -12.43 -1.54
N ILE D 17 -10.61 -12.24 -0.77
CA ILE D 17 -10.59 -11.29 0.32
C ILE D 17 -10.77 -9.85 -0.22
N HIS D 18 -11.40 -8.97 0.56
CA HIS D 18 -11.72 -7.62 0.15
C HIS D 18 -11.67 -6.68 1.36
N TYR D 19 -11.85 -5.38 1.11
CA TYR D 19 -11.77 -4.39 2.20
C TYR D 19 -12.87 -4.54 3.25
N GLY D 20 -14.02 -5.01 2.86
CA GLY D 20 -15.06 -5.41 3.81
C GLY D 20 -14.56 -6.28 4.92
N HIS D 21 -13.91 -7.39 4.55
CA HIS D 21 -13.34 -8.35 5.50
C HIS D 21 -12.33 -7.62 6.39
N LEU D 22 -11.49 -6.83 5.75
CA LEU D 22 -10.40 -6.16 6.43
C LEU D 22 -10.90 -5.07 7.39
N VAL D 23 -11.90 -4.30 6.95
CA VAL D 23 -12.59 -3.35 7.83
C VAL D 23 -13.23 -4.12 8.98
N ALA D 24 -13.91 -5.23 8.68
CA ALA D 24 -14.60 -5.99 9.73
C ALA D 24 -13.64 -6.47 10.81
N ALA D 25 -12.48 -6.97 10.40
CA ALA D 25 -11.48 -7.47 11.34
C ALA D 25 -10.89 -6.33 12.18
N SER D 26 -10.58 -5.23 11.52
CA SER D 26 -10.05 -4.06 12.20
C SER D 26 -11.04 -3.49 13.24
N GLU D 27 -12.31 -3.43 12.86
CA GLU D 27 -13.35 -2.92 13.79
C GLU D 27 -13.60 -3.85 14.97
N VAL D 28 -13.66 -5.15 14.73
CA VAL D 28 -13.88 -6.13 15.80
C VAL D 28 -12.68 -6.13 16.75
N ALA D 29 -11.46 -6.08 16.21
CA ALA D 29 -10.25 -5.94 17.01
C ALA D 29 -10.34 -4.77 18.00
N ASP D 30 -10.85 -3.62 17.53
CA ASP D 30 -11.03 -2.43 18.35
C ASP D 30 -12.14 -2.63 19.38
N LEU D 31 -13.31 -3.08 18.92
CA LEU D 31 -14.45 -3.31 19.80
C LEU D 31 -14.19 -4.32 20.92
N PHE D 32 -13.43 -5.38 20.65
CA PHE D 32 -13.26 -6.46 21.61
C PHE D 32 -11.87 -6.50 22.21
N ASP D 33 -11.09 -5.43 21.98
CA ASP D 33 -9.72 -5.34 22.51
C ASP D 33 -8.83 -6.55 22.18
N LEU D 34 -8.85 -6.94 20.91
CA LEU D 34 -8.12 -8.11 20.48
C LEU D 34 -6.69 -7.71 20.17
N ASP D 35 -5.72 -8.50 20.63
CA ASP D 35 -4.30 -8.22 20.37
C ASP D 35 -3.92 -8.49 18.94
N GLU D 36 -4.59 -9.47 18.35
CA GLU D 36 -4.23 -10.01 17.05
C GLU D 36 -5.47 -10.62 16.44
N VAL D 37 -5.52 -10.63 15.12
CA VAL D 37 -6.55 -11.31 14.35
C VAL D 37 -5.83 -12.27 13.39
N VAL D 38 -6.11 -13.57 13.54
CA VAL D 38 -5.61 -14.57 12.64
C VAL D 38 -6.70 -14.84 11.62
N PHE D 39 -6.38 -14.58 10.35
CA PHE D 39 -7.29 -14.95 9.25
C PHE D 39 -7.08 -16.44 8.92
N VAL D 40 -8.19 -17.17 8.80
CA VAL D 40 -8.16 -18.61 8.54
C VAL D 40 -8.96 -18.90 7.26
N PRO D 41 -8.27 -18.94 6.10
CA PRO D 41 -8.99 -19.36 4.91
C PRO D 41 -9.51 -20.77 5.07
N SER D 42 -10.76 -20.96 4.70
CA SER D 42 -11.45 -22.23 4.81
C SER D 42 -10.89 -23.28 3.84
N GLY D 43 -11.02 -24.55 4.22
CA GLY D 43 -10.62 -25.67 3.38
C GLY D 43 -11.70 -25.98 2.36
N GLN D 44 -12.14 -27.21 2.33
CA GLN D 44 -13.21 -27.66 1.44
C GLN D 44 -14.55 -27.06 1.91
N PRO D 45 -15.38 -26.58 0.96
CA PRO D 45 -16.72 -26.05 1.31
C PRO D 45 -17.73 -27.15 1.70
N TRP D 46 -18.90 -26.74 2.19
CA TRP D 46 -20.01 -27.67 2.53
C TRP D 46 -21.00 -27.96 1.39
N ARG D 50 -20.55 -26.53 -4.73
CA ARG D 50 -19.99 -25.19 -4.68
C ARG D 50 -18.52 -25.21 -5.07
N GLN D 51 -18.13 -24.34 -5.99
CA GLN D 51 -16.77 -24.31 -6.52
C GLN D 51 -16.03 -23.05 -6.06
N VAL D 52 -14.91 -23.23 -5.37
CA VAL D 52 -14.07 -22.11 -4.92
C VAL D 52 -12.71 -22.26 -5.61
N SER D 53 -11.96 -21.17 -5.72
CA SER D 53 -10.57 -21.26 -6.14
C SER D 53 -9.78 -22.20 -5.21
N ALA D 54 -8.76 -22.82 -5.77
CA ALA D 54 -7.85 -23.67 -5.01
C ALA D 54 -7.35 -22.96 -3.74
N ALA D 55 -7.24 -23.74 -2.66
CA ALA D 55 -6.87 -23.22 -1.34
C ALA D 55 -5.63 -22.31 -1.33
N GLU D 56 -4.59 -22.65 -2.10
CA GLU D 56 -3.34 -21.87 -2.13
C GLU D 56 -3.54 -20.46 -2.66
N HIS D 57 -4.35 -20.31 -3.69
CA HIS D 57 -4.75 -18.99 -4.17
C HIS D 57 -5.40 -18.16 -3.08
N ARG D 58 -6.35 -18.77 -2.36
CA ARG D 58 -7.09 -18.10 -1.31
C ARG D 58 -6.16 -17.79 -0.13
N TYR D 59 -5.28 -18.73 0.20
CA TYR D 59 -4.26 -18.47 1.21
C TYR D 59 -3.40 -17.27 0.83
N LEU D 60 -2.90 -17.25 -0.40
CA LEU D 60 -1.97 -16.22 -0.83
C LEU D 60 -2.60 -14.83 -0.94
N MET D 61 -3.84 -14.74 -1.41
CA MET D 61 -4.55 -13.45 -1.43
C MET D 61 -4.68 -12.89 -0.03
N THR D 62 -4.96 -13.77 0.92
CA THR D 62 -5.15 -13.36 2.29
C THR D 62 -3.81 -12.87 2.89
N VAL D 63 -2.73 -13.61 2.65
CA VAL D 63 -1.38 -13.17 3.04
C VAL D 63 -1.05 -11.82 2.42
N ILE D 64 -1.32 -11.68 1.12
CA ILE D 64 -1.01 -10.41 0.43
C ILE D 64 -1.75 -9.25 1.09
N ALA D 65 -3.05 -9.45 1.33
CA ALA D 65 -3.95 -8.42 1.87
C ALA D 65 -3.68 -8.00 3.34
N THR D 66 -3.25 -8.94 4.16
CA THR D 66 -2.97 -8.69 5.59
C THR D 66 -1.50 -8.38 5.91
N ALA D 67 -0.61 -8.47 4.93
CA ALA D 67 0.83 -8.36 5.21
C ALA D 67 1.21 -7.07 5.93
N SER D 68 0.70 -5.94 5.44
CA SER D 68 1.07 -4.63 6.01
C SER D 68 0.59 -4.37 7.44
N ASN D 69 -0.39 -5.14 7.92
CA ASN D 69 -0.98 -4.91 9.24
C ASN D 69 -0.21 -5.70 10.31
N PRO D 70 0.43 -4.99 11.28
CA PRO D 70 1.17 -5.70 12.33
C PRO D 70 0.33 -6.64 13.18
N ARG D 71 -0.99 -6.40 13.25
CA ARG D 71 -1.87 -7.17 14.09
C ARG D 71 -2.69 -8.27 13.39
N PHE D 72 -2.49 -8.46 12.08
CA PHE D 72 -3.16 -9.50 11.34
C PHE D 72 -2.14 -10.59 10.99
N SER D 73 -2.57 -11.84 10.97
CA SER D 73 -1.75 -12.95 10.46
C SER D 73 -2.64 -13.92 9.71
N VAL D 74 -2.04 -14.94 9.10
CA VAL D 74 -2.80 -15.92 8.31
C VAL D 74 -2.41 -17.31 8.75
N SER D 75 -3.40 -18.19 8.97
CA SER D 75 -3.11 -19.58 9.38
C SER D 75 -3.55 -20.55 8.32
N ARG D 76 -2.81 -21.65 8.23
CA ARG D 76 -3.06 -22.72 7.29
C ARG D 76 -3.90 -23.88 7.87
N VAL D 77 -4.34 -23.80 9.14
CA VAL D 77 -4.90 -24.99 9.81
C VAL D 77 -6.12 -25.63 9.11
N ASP D 78 -7.03 -24.84 8.55
CA ASP D 78 -8.17 -25.40 7.81
C ASP D 78 -7.77 -25.92 6.41
N ILE D 79 -6.95 -25.16 5.67
CA ILE D 79 -6.53 -25.63 4.32
C ILE D 79 -5.66 -26.90 4.39
N ASP D 80 -4.89 -27.09 5.47
CA ASP D 80 -4.06 -28.30 5.59
C ASP D 80 -4.75 -29.48 6.28
N ARG D 81 -5.92 -29.28 6.89
CA ARG D 81 -6.61 -30.38 7.58
C ARG D 81 -7.28 -31.34 6.59
N GLY D 82 -7.94 -30.81 5.59
CA GLY D 82 -8.60 -31.68 4.62
C GLY D 82 -9.97 -32.23 5.07
N GLY D 83 -10.82 -32.46 4.08
CA GLY D 83 -12.22 -32.74 4.28
C GLY D 83 -12.95 -31.42 4.43
N PRO D 84 -14.25 -31.46 4.71
CA PRO D 84 -14.99 -30.23 4.95
C PRO D 84 -14.56 -29.59 6.25
N THR D 85 -14.58 -28.27 6.28
CA THR D 85 -14.05 -27.53 7.39
C THR D 85 -15.11 -27.43 8.48
N TYR D 86 -14.74 -27.91 9.66
CA TYR D 86 -15.52 -27.75 10.88
C TYR D 86 -14.83 -26.74 11.78
N THR D 87 -15.51 -25.66 12.10
CA THR D 87 -15.03 -24.63 13.04
C THR D 87 -14.64 -25.21 14.40
N LYS D 88 -15.31 -26.28 14.82
CA LYS D 88 -14.83 -27.07 15.98
C LYS D 88 -13.34 -27.47 15.86
N ASP D 89 -12.92 -27.89 14.65
CA ASP D 89 -11.53 -28.30 14.45
C ASP D 89 -10.63 -27.08 14.37
N THR D 90 -11.09 -26.01 13.70
CA THR D 90 -10.36 -24.73 13.65
C THR D 90 -9.99 -24.28 15.04
N LEU D 91 -10.99 -24.24 15.91
CA LEU D 91 -10.83 -23.73 17.25
C LEU D 91 -9.97 -24.62 18.12
N ALA D 92 -10.12 -25.94 18.00
CA ALA D 92 -9.24 -26.86 18.73
C ALA D 92 -7.78 -26.63 18.32
N ASP D 93 -7.53 -26.54 17.01
CA ASP D 93 -6.16 -26.33 16.52
C ASP D 93 -5.60 -25.01 17.03
N LEU D 94 -6.40 -23.94 16.94
CA LEU D 94 -5.90 -22.63 17.30
C LEU D 94 -5.75 -22.52 18.82
N HIS D 95 -6.64 -23.18 19.55
CA HIS D 95 -6.48 -23.26 20.98
C HIS D 95 -5.17 -23.93 21.37
N ALA D 96 -4.83 -25.02 20.70
CA ALA D 96 -3.57 -25.73 20.97
C ALA D 96 -2.37 -24.85 20.70
N LEU D 97 -2.43 -24.08 19.60
CA LEU D 97 -1.36 -23.16 19.22
C LEU D 97 -1.25 -21.89 20.06
N HIS D 98 -2.36 -21.43 20.63
CA HIS D 98 -2.39 -20.21 21.43
C HIS D 98 -3.11 -20.54 22.75
N PRO D 99 -2.46 -21.35 23.61
CA PRO D 99 -3.15 -21.86 24.82
C PRO D 99 -3.59 -20.80 25.84
N ASP D 100 -2.97 -19.63 25.86
CA ASP D 100 -3.31 -18.59 26.86
C ASP D 100 -4.15 -17.40 26.30
N SER D 101 -4.75 -17.57 25.13
CA SER D 101 -5.62 -16.55 24.54
C SER D 101 -7.08 -16.97 24.60
N GLU D 102 -7.96 -16.05 24.98
CA GLU D 102 -9.40 -16.23 24.74
C GLU D 102 -9.64 -16.01 23.22
N LEU D 103 -10.26 -16.97 22.56
CA LEU D 103 -10.55 -16.87 21.12
C LEU D 103 -11.89 -16.18 20.83
N TYR D 104 -11.87 -15.30 19.83
CA TYR D 104 -13.05 -14.62 19.32
C TYR D 104 -13.26 -14.95 17.84
N PHE D 105 -14.08 -15.98 17.59
CA PHE D 105 -14.34 -16.43 16.22
C PHE D 105 -15.32 -15.46 15.54
N THR D 106 -14.85 -14.88 14.45
CA THR D 106 -15.53 -13.82 13.76
C THR D 106 -15.81 -14.27 12.32
N THR D 107 -17.05 -14.14 11.89
CA THR D 107 -17.42 -14.42 10.51
C THR D 107 -18.70 -13.71 10.14
N GLY D 108 -19.15 -13.89 8.90
CA GLY D 108 -20.36 -13.25 8.44
C GLY D 108 -21.55 -13.81 9.22
N ALA D 109 -22.54 -12.96 9.49
CA ALA D 109 -23.70 -13.35 10.31
C ALA D 109 -24.43 -14.57 9.73
N ASP D 110 -24.57 -14.63 8.40
CA ASP D 110 -25.23 -15.76 7.75
C ASP D 110 -24.46 -17.05 7.94
N ALA D 111 -23.13 -16.97 7.91
CA ALA D 111 -22.31 -18.14 8.16
C ALA D 111 -22.37 -18.55 9.63
N LEU D 112 -22.41 -17.59 10.54
CA LEU D 112 -22.55 -17.89 11.97
C LEU D 112 -23.89 -18.59 12.27
N ALA D 113 -24.96 -18.17 11.60
CA ALA D 113 -26.27 -18.87 11.69
C ALA D 113 -26.18 -20.31 11.25
N SER D 114 -25.45 -20.57 10.15
CA SER D 114 -25.23 -21.97 9.71
C SER D 114 -24.49 -22.77 10.73
N ILE D 115 -23.42 -22.20 11.28
CA ILE D 115 -22.67 -22.82 12.37
C ILE D 115 -23.61 -23.11 13.55
N MET D 116 -24.47 -22.16 13.90
CA MET D 116 -25.46 -22.35 14.99
C MET D 116 -26.52 -23.39 14.66
N SER D 117 -26.73 -23.69 13.38
CA SER D 117 -27.63 -24.76 12.95
C SER D 117 -27.01 -26.16 13.00
N TRP D 118 -25.69 -26.24 13.10
CA TRP D 118 -24.98 -27.51 13.05
C TRP D 118 -25.15 -28.20 14.40
N GLN D 119 -25.47 -29.49 14.36
CA GLN D 119 -25.59 -30.33 15.54
C GLN D 119 -24.23 -30.46 16.24
N GLY D 120 -24.18 -30.12 17.52
CA GLY D 120 -22.95 -29.98 18.28
C GLY D 120 -22.50 -28.54 18.53
N TRP D 121 -23.33 -27.56 18.20
CA TRP D 121 -22.95 -26.14 18.33
C TRP D 121 -22.54 -25.74 19.75
N GLU D 122 -23.17 -26.35 20.76
CA GLU D 122 -22.92 -26.05 22.18
C GLU D 122 -21.44 -26.13 22.57
N GLU D 123 -20.74 -27.13 22.05
CA GLU D 123 -19.33 -27.31 22.42
C GLU D 123 -18.41 -26.25 21.79
N LEU D 124 -18.90 -25.54 20.76
CA LEU D 124 -18.15 -24.39 20.23
C LEU D 124 -17.96 -23.30 21.28
N PHE D 125 -18.97 -23.06 22.11
CA PHE D 125 -18.92 -22.02 23.13
C PHE D 125 -18.07 -22.34 24.34
N GLU D 126 -17.68 -23.59 24.50
CA GLU D 126 -16.60 -23.98 25.43
C GLU D 126 -15.20 -23.59 24.93
N LEU D 127 -15.08 -23.39 23.63
CA LEU D 127 -13.80 -23.11 23.00
C LEU D 127 -13.59 -21.62 22.68
N ALA D 128 -14.66 -20.88 22.46
CA ALA D 128 -14.53 -19.53 21.93
C ALA D 128 -15.79 -18.71 22.15
N ARG D 129 -15.63 -17.40 22.11
CA ARG D 129 -16.74 -16.48 21.90
C ARG D 129 -16.88 -16.15 20.41
N PHE D 130 -18.08 -15.72 20.00
CA PHE D 130 -18.43 -15.56 18.59
C PHE D 130 -18.91 -14.14 18.29
N VAL D 131 -18.46 -13.63 17.15
CA VAL D 131 -18.87 -12.33 16.64
C VAL D 131 -19.38 -12.54 15.22
N GLY D 132 -20.63 -12.17 14.98
CA GLY D 132 -21.24 -12.23 13.66
C GLY D 132 -21.16 -10.83 13.10
N VAL D 133 -20.51 -10.67 11.96
CA VAL D 133 -20.45 -9.37 11.31
C VAL D 133 -21.46 -9.35 10.17
N SER D 134 -22.30 -8.32 10.17
CA SER D 134 -23.37 -8.19 9.15
C SER D 134 -23.20 -6.92 8.31
N ARG D 135 -23.74 -6.95 7.10
CA ARG D 135 -23.84 -5.78 6.25
C ARG D 135 -25.21 -5.16 6.45
N PRO D 136 -25.42 -3.94 5.93
CA PRO D 136 -26.74 -3.27 5.99
C PRO D 136 -27.88 -4.00 5.30
N GLY D 137 -29.03 -4.08 5.97
CA GLY D 137 -30.18 -4.85 5.49
C GLY D 137 -30.23 -6.27 6.06
N TYR D 138 -29.17 -6.73 6.76
CA TYR D 138 -29.18 -8.06 7.41
C TYR D 138 -30.36 -8.26 8.39
N GLU D 139 -31.05 -9.39 8.22
CA GLU D 139 -32.10 -9.81 9.15
C GLU D 139 -31.99 -11.31 9.34
N LEU D 140 -31.92 -11.73 10.59
CA LEU D 140 -32.07 -13.14 10.96
C LEU D 140 -33.54 -13.52 10.80
N ARG D 141 -33.82 -14.54 9.98
CA ARG D 141 -35.19 -15.03 9.73
C ARG D 141 -35.16 -16.51 10.03
N ASN D 142 -35.03 -16.77 11.32
CA ASN D 142 -34.99 -18.11 11.82
C ASN D 142 -35.30 -18.08 13.31
N GLU D 143 -36.49 -18.59 13.65
CA GLU D 143 -37.03 -18.51 15.00
C GLU D 143 -36.35 -19.51 15.93
N HIS D 144 -35.90 -20.63 15.39
CA HIS D 144 -35.07 -21.56 16.13
C HIS D 144 -33.73 -20.93 16.57
N ILE D 145 -33.07 -20.26 15.63
CA ILE D 145 -31.77 -19.62 15.95
C ILE D 145 -31.99 -18.48 16.91
N THR D 146 -33.07 -17.70 16.73
CA THR D 146 -33.40 -16.64 17.68
C THR D 146 -33.54 -17.18 19.11
N SER D 147 -34.23 -18.30 19.30
CA SER D 147 -34.40 -18.87 20.65
C SER D 147 -33.07 -19.40 21.23
N LEU D 148 -32.24 -19.95 20.37
CA LEU D 148 -30.87 -20.37 20.71
C LEU D 148 -30.04 -19.24 21.35
N LEU D 149 -30.20 -18.01 20.86
CA LEU D 149 -29.49 -16.85 21.43
C LEU D 149 -29.78 -16.65 22.94
N GLY D 150 -31.01 -16.97 23.37
CA GLY D 150 -31.38 -16.96 24.79
C GLY D 150 -30.78 -18.05 25.66
N GLN D 151 -30.31 -19.15 25.08
CA GLN D 151 -29.48 -20.15 25.82
C GLN D 151 -28.06 -19.65 26.20
N LEU D 152 -27.60 -18.57 25.55
CA LEU D 152 -26.20 -18.11 25.64
C LEU D 152 -25.91 -17.16 26.81
N ALA D 153 -24.79 -17.41 27.48
CA ALA D 153 -24.25 -16.48 28.49
C ALA D 153 -23.94 -15.09 27.91
N LYS D 154 -23.78 -14.14 28.82
CA LYS D 154 -23.43 -12.77 28.50
C LYS D 154 -22.14 -12.74 27.67
N ASP D 155 -22.13 -11.93 26.61
CA ASP D 155 -20.96 -11.75 25.73
C ASP D 155 -20.49 -13.01 24.97
N ALA D 156 -21.29 -14.07 24.95
CA ALA D 156 -20.92 -15.31 24.27
C ALA D 156 -21.01 -15.16 22.74
N LEU D 157 -21.95 -14.35 22.28
CA LEU D 157 -22.18 -14.09 20.87
C LEU D 157 -22.66 -12.67 20.70
N THR D 158 -22.00 -11.90 19.82
CA THR D 158 -22.32 -10.50 19.58
C THR D 158 -22.45 -10.25 18.08
N LEU D 159 -23.46 -9.48 17.70
CA LEU D 159 -23.73 -9.09 16.33
C LEU D 159 -23.32 -7.62 16.13
N VAL D 160 -22.53 -7.40 15.08
CA VAL D 160 -21.97 -6.09 14.79
C VAL D 160 -22.23 -5.79 13.33
N GLU D 161 -22.86 -4.64 13.04
CA GLU D 161 -23.10 -4.23 11.65
C GLU D 161 -21.94 -3.36 11.12
N ILE D 162 -21.41 -3.74 9.96
CA ILE D 162 -20.25 -3.08 9.33
C ILE D 162 -20.72 -2.62 7.94
N PRO D 163 -20.90 -1.28 7.75
CA PRO D 163 -21.35 -0.78 6.44
C PRO D 163 -20.54 -1.27 5.25
N ALA D 164 -19.21 -1.39 5.44
CA ALA D 164 -18.29 -1.80 4.36
C ALA D 164 -18.48 -3.22 3.86
N LEU D 165 -19.15 -4.07 4.64
CA LEU D 165 -19.49 -5.42 4.19
C LEU D 165 -20.59 -5.44 3.13
N ALA D 166 -21.08 -4.28 2.70
CA ALA D 166 -21.76 -4.18 1.41
C ALA D 166 -20.90 -4.66 0.26
N ILE D 167 -19.58 -4.53 0.40
CA ILE D 167 -18.65 -5.12 -0.55
C ILE D 167 -18.68 -6.63 -0.27
N SER D 168 -18.96 -7.44 -1.30
CA SER D 168 -19.01 -8.89 -1.17
C SER D 168 -18.07 -9.61 -2.13
N SER D 169 -17.63 -10.81 -1.74
CA SER D 169 -16.74 -11.60 -2.60
C SER D 169 -17.49 -11.98 -3.89
N THR D 170 -18.81 -12.19 -3.77
CA THR D 170 -19.66 -12.54 -4.92
C THR D 170 -19.68 -11.41 -5.96
N ASP D 171 -19.82 -10.17 -5.51
CA ASP D 171 -19.74 -9.04 -6.41
C ASP D 171 -18.33 -8.91 -7.02
N CYS D 172 -17.28 -9.17 -6.23
CA CYS D 172 -15.91 -9.07 -6.75
C CYS D 172 -15.66 -10.08 -7.87
N ARG D 173 -16.12 -11.32 -7.68
CA ARG D 173 -15.93 -12.36 -8.67
C ARG D 173 -16.68 -11.99 -9.97
N GLN D 174 -17.90 -11.50 -9.81
CA GLN D 174 -18.70 -11.01 -10.95
C GLN D 174 -18.06 -9.86 -11.71
N ARG D 175 -17.53 -8.88 -10.99
CA ARG D 175 -16.77 -7.80 -11.64
C ARG D 175 -15.59 -8.36 -12.43
N ALA D 176 -14.83 -9.28 -11.83
CA ALA D 176 -13.70 -9.91 -12.54
C ALA D 176 -14.18 -10.65 -13.81
N GLU D 177 -15.24 -11.44 -13.66
CA GLU D 177 -15.85 -12.15 -14.80
C GLU D 177 -16.29 -11.20 -15.92
N GLN D 178 -16.77 -10.02 -15.53
CA GLN D 178 -17.23 -9.00 -16.48
C GLN D 178 -16.16 -7.98 -16.89
N SER D 179 -14.87 -8.27 -16.65
CA SER D 179 -13.78 -7.37 -16.98
C SER D 179 -13.93 -5.91 -16.43
N ARG D 180 -14.51 -5.79 -15.23
CA ARG D 180 -14.71 -4.52 -14.58
C ARG D 180 -13.65 -4.36 -13.50
N PRO D 181 -13.22 -3.12 -13.23
CA PRO D 181 -12.09 -2.93 -12.32
C PRO D 181 -12.39 -3.25 -10.86
N LEU D 182 -11.41 -3.85 -10.20
CA LEU D 182 -11.51 -4.17 -8.79
C LEU D 182 -10.81 -3.16 -7.92
N TRP D 183 -10.21 -2.13 -8.52
CA TRP D 183 -9.45 -1.12 -7.76
C TRP D 183 -10.26 -0.55 -6.61
N TYR D 184 -9.64 -0.43 -5.45
CA TYR D 184 -10.26 0.16 -4.25
C TYR D 184 -11.37 -0.68 -3.56
N LEU D 185 -11.67 -1.87 -4.06
CA LEU D 185 -12.53 -2.82 -3.36
C LEU D 185 -11.69 -3.76 -2.51
N MET D 186 -10.39 -3.79 -2.80
CA MET D 186 -9.48 -4.71 -2.19
C MET D 186 -8.07 -4.17 -2.42
N PRO D 187 -7.09 -4.63 -1.61
CA PRO D 187 -5.73 -4.15 -1.84
C PRO D 187 -5.22 -4.41 -3.27
N ASP D 188 -4.38 -3.49 -3.74
CA ASP D 188 -3.76 -3.56 -5.07
C ASP D 188 -3.14 -4.91 -5.33
N GLY D 189 -2.39 -5.43 -4.35
CA GLY D 189 -1.77 -6.75 -4.46
C GLY D 189 -2.76 -7.86 -4.77
N VAL D 190 -3.97 -7.76 -4.21
CA VAL D 190 -5.01 -8.76 -4.41
C VAL D 190 -5.64 -8.58 -5.78
N VAL D 191 -5.89 -7.34 -6.20
CA VAL D 191 -6.37 -7.05 -7.57
C VAL D 191 -5.43 -7.70 -8.58
N GLN D 192 -4.13 -7.53 -8.37
CA GLN D 192 -3.14 -8.08 -9.25
C GLN D 192 -3.02 -9.59 -9.18
N TYR D 193 -3.17 -10.17 -8.00
CA TYR D 193 -3.14 -11.61 -7.90
C TYR D 193 -4.24 -12.21 -8.77
N VAL D 194 -5.45 -11.68 -8.60
CA VAL D 194 -6.62 -12.15 -9.33
C VAL D 194 -6.38 -12.08 -10.84
N SER D 195 -5.87 -10.95 -11.29
CA SER D 195 -5.57 -10.75 -12.70
C SER D 195 -4.43 -11.67 -13.18
N LYS D 196 -3.33 -11.76 -12.42
CA LYS D 196 -2.18 -12.58 -12.85
C LYS D 196 -2.47 -14.08 -12.86
N ARG D 197 -3.27 -14.57 -11.92
CA ARG D 197 -3.68 -15.99 -11.94
C ARG D 197 -4.97 -16.25 -12.67
N ARG D 198 -5.61 -15.19 -13.20
CA ARG D 198 -6.82 -15.32 -13.98
C ARG D 198 -7.85 -16.13 -13.23
N LEU D 199 -8.13 -15.71 -11.99
CA LEU D 199 -8.91 -16.54 -11.05
C LEU D 199 -10.37 -16.75 -11.37
N TYR D 200 -11.04 -15.77 -11.96
CA TYR D 200 -12.49 -15.93 -12.17
C TYR D 200 -12.80 -15.88 -13.69
N THR D 201 -11.95 -16.55 -14.47
CA THR D 201 -12.09 -16.69 -15.93
C THR D 201 -12.41 -18.16 -16.27
PA NAP E . -22.61 16.83 0.32
O1A NAP E . -23.78 17.64 0.77
O2A NAP E . -21.38 17.01 1.24
O5B NAP E . -22.92 15.22 0.14
C5B NAP E . -24.16 14.72 -0.39
C4B NAP E . -24.06 13.23 -0.61
O4B NAP E . -23.27 12.97 -1.81
C3B NAP E . -23.40 12.44 0.52
O3B NAP E . -23.97 11.15 0.67
C2B NAP E . -21.97 12.31 0.01
O2B NAP E . -21.26 11.21 0.63
C1B NAP E . -22.18 12.13 -1.49
N9A NAP E . -21.02 12.52 -2.29
C8A NAP E . -20.52 13.79 -2.43
N7A NAP E . -19.55 13.90 -3.31
C5A NAP E . -19.42 12.61 -3.80
C6A NAP E . -18.65 12.09 -4.85
N6A NAP E . -17.91 12.84 -5.67
N1A NAP E . -18.76 10.77 -5.11
C2A NAP E . -19.62 10.03 -4.38
N3A NAP E . -20.42 10.44 -3.40
C4A NAP E . -20.29 11.75 -3.17
O3 NAP E . -22.16 17.36 -1.11
PN NAP E . -20.77 18.01 -1.56
O1N NAP E . -19.76 16.93 -1.48
O2N NAP E . -20.57 19.24 -0.77
O5D NAP E . -21.12 18.49 -3.05
C5D NAP E . -21.12 17.61 -4.18
C4D NAP E . -20.84 18.41 -5.43
O4D NAP E . -22.02 19.17 -5.79
C3D NAP E . -19.68 19.41 -5.36
O3D NAP E . -18.93 19.42 -6.56
C2D NAP E . -20.40 20.75 -5.16
O2D NAP E . -19.68 21.87 -5.68
C1D NAP E . -21.65 20.51 -5.99
N1N NAP E . -22.81 21.39 -5.61
C2N NAP E . -22.95 22.48 -6.38
C3N NAP E . -23.94 23.40 -6.11
C7N NAP E . -24.13 24.53 -7.09
O7N NAP E . -23.47 24.56 -8.14
N7N NAP E . -25.06 25.44 -6.82
C4N NAP E . -24.77 23.18 -5.01
C5N NAP E . -24.60 22.06 -4.24
C6N NAP E . -23.61 21.15 -4.55
P2B NAP E . -19.93 11.50 1.42
O1X NAP E . -19.37 10.16 1.91
O2X NAP E . -19.00 12.22 0.42
O3X NAP E . -20.22 12.39 2.61
PA NAP F . 24.58 -14.61 -2.90
O1A NAP F . 25.85 -15.38 -2.73
O2A NAP F . 23.80 -14.63 -1.60
O5B NAP F . 24.85 -13.04 -3.25
C5B NAP F . 25.85 -12.53 -4.14
C4B NAP F . 25.55 -11.08 -4.39
O4B NAP F . 24.51 -10.97 -5.39
C3B NAP F . 25.05 -10.32 -3.16
O3B NAP F . 25.54 -8.99 -3.09
C2B NAP F . 23.54 -10.29 -3.37
O2B NAP F . 22.96 -9.20 -2.63
C1B NAP F . 23.42 -10.20 -4.89
N9A NAP F . 22.18 -10.74 -5.45
C8A NAP F . 21.78 -12.05 -5.42
N7A NAP F . 20.69 -12.29 -6.12
C5A NAP F . 20.36 -11.05 -6.65
C6A NAP F . 19.39 -10.66 -7.59
N6A NAP F . 18.49 -11.49 -8.12
N1A NAP F . 19.41 -9.38 -8.01
C2A NAP F . 20.32 -8.53 -7.49
N3A NAP F . 21.28 -8.80 -6.60
C4A NAP F . 21.26 -10.08 -6.22
O3 NAP F . 23.69 -15.24 -4.07
PN NAP F . 22.23 -15.88 -3.97
O1N NAP F . 21.26 -14.77 -3.81
O2N NAP F . 22.27 -16.93 -2.94
O5D NAP F . 22.06 -16.61 -5.37
C5D NAP F . 22.02 -15.85 -6.59
C4D NAP F . 21.52 -16.74 -7.70
O4D NAP F . 22.61 -17.56 -8.18
C3D NAP F . 20.37 -17.69 -7.36
O3D NAP F . 19.48 -17.83 -8.45
C2D NAP F . 21.08 -19.02 -7.15
O2D NAP F . 20.21 -20.13 -7.47
C1D NAP F . 22.20 -18.91 -8.18
N1N NAP F . 23.38 -19.75 -7.88
C2N NAP F . 23.59 -20.77 -8.74
C3N NAP F . 24.71 -21.55 -8.64
C7N NAP F . 24.86 -22.68 -9.62
O7N NAP F . 23.92 -22.93 -10.42
N7N NAP F . 25.95 -23.42 -9.58
C4N NAP F . 25.61 -21.29 -7.60
C5N NAP F . 25.36 -20.26 -6.71
C6N NAP F . 24.23 -19.49 -6.87
P2B NAP F . 21.65 -9.47 -1.78
O1X NAP F . 21.04 -8.14 -1.46
O2X NAP F . 20.71 -10.39 -2.61
O3X NAP F . 22.16 -10.16 -0.51
PA NAP G . 21.45 20.07 -2.59
O1A NAP G . 22.55 20.91 -3.13
O2A NAP G . 20.25 19.96 -3.53
O5B NAP G . 21.94 18.58 -2.23
C5B NAP G . 23.27 18.37 -1.70
C4B NAP G . 23.43 16.89 -1.51
O4B NAP G . 22.75 16.51 -0.29
C3B NAP G . 22.87 16.02 -2.62
O3B NAP G . 23.69 14.86 -2.77
C2B NAP G . 21.48 15.67 -2.09
O2B NAP G . 20.92 14.44 -2.59
C1B NAP G . 21.73 15.58 -0.59
N9A NAP G . 20.55 15.88 0.24
C8A NAP G . 19.86 17.07 0.27
N7A NAP G . 18.93 17.10 1.20
C5A NAP G . 19.02 15.86 1.81
C6A NAP G . 18.35 15.28 2.91
N6A NAP G . 17.43 15.93 3.62
N1A NAP G . 18.69 14.03 3.27
C2A NAP G . 19.63 13.38 2.57
N3A NAP G . 20.36 13.83 1.54
C4A NAP G . 20.00 15.09 1.21
O3 NAP G . 20.92 20.70 -1.24
PN NAP G . 19.47 21.24 -0.88
O1N NAP G . 18.58 20.06 -0.86
O2N NAP G . 19.13 22.37 -1.76
O5D NAP G . 19.74 21.87 0.56
C5D NAP G . 19.86 21.11 1.78
C4D NAP G . 19.39 21.94 2.95
O4D NAP G . 20.41 22.90 3.30
C3D NAP G . 18.09 22.75 2.73
O3D NAP G . 17.30 22.70 3.90
C2D NAP G . 18.62 24.16 2.48
O2D NAP G . 17.70 25.18 2.87
C1D NAP G . 19.85 24.19 3.39
N1N NAP G . 20.90 25.21 3.01
C2N NAP G . 20.89 26.34 3.74
C3N NAP G . 21.82 27.34 3.50
C7N NAP G . 21.90 28.49 4.47
O7N NAP G . 21.18 28.48 5.49
N7N NAP G . 22.78 29.46 4.25
C4N NAP G . 22.72 27.17 2.45
C5N NAP G . 22.70 26.00 1.70
C6N NAP G . 21.78 25.03 2.00
P2B NAP G . 19.52 14.45 -3.40
O1X NAP G . 19.15 13.04 -3.77
O2X NAP G . 18.50 15.16 -2.49
O3X NAP G . 19.74 15.27 -4.67
PA NAP H . -20.00 -18.06 3.11
O1A NAP H . -21.22 -18.87 2.86
O2A NAP H . -19.11 -18.00 1.87
O5B NAP H . -20.38 -16.60 3.62
C5B NAP H . -21.73 -16.26 4.04
C4B NAP H . -21.69 -14.77 4.26
O4B NAP H . -20.69 -14.45 5.26
C3B NAP H . -21.33 -13.97 3.01
O3B NAP H . -22.10 -12.76 2.94
C2B NAP H . -19.83 -13.70 3.22
O2B NAP H . -19.38 -12.52 2.52
C1B NAP H . -19.74 -13.55 4.74
N9A NAP H . -18.44 -13.81 5.34
C8A NAP H . -17.77 -15.02 5.38
N7A NAP H . -16.67 -14.99 6.10
C5A NAP H . -16.60 -13.68 6.55
C6A NAP H . -15.71 -13.03 7.41
N6A NAP H . -14.68 -13.63 8.00
N1A NAP H . -15.94 -11.72 7.69
C2A NAP H . -17.02 -11.13 7.15
N3A NAP H . -17.95 -11.67 6.34
C4A NAP H . -17.68 -12.94 6.07
O3 NAP H . -19.14 -18.66 4.31
PN NAP H . -17.67 -19.24 4.27
O1N NAP H . -16.80 -18.11 3.93
O2N NAP H . -17.66 -20.45 3.40
O5D NAP H . -17.50 -19.76 5.78
C5D NAP H . -17.41 -18.83 6.87
C4D NAP H . -16.75 -19.52 8.04
O4D NAP H . -17.68 -20.44 8.65
C3D NAP H . -15.50 -20.35 7.70
O3D NAP H . -14.52 -20.22 8.70
C2D NAP H . -16.05 -21.77 7.64
O2D NAP H . -15.03 -22.70 7.96
C1D NAP H . -17.11 -21.71 8.74
N1N NAP H . -18.18 -22.71 8.61
C2N NAP H . -18.27 -23.67 9.56
C3N NAP H . -19.31 -24.58 9.54
C7N NAP H . -19.45 -25.54 10.69
O7N NAP H . -18.59 -25.55 11.58
N7N NAP H . -20.51 -26.38 10.70
C4N NAP H . -20.21 -24.55 8.47
C5N NAP H . -20.08 -23.58 7.50
C6N NAP H . -19.06 -22.65 7.59
P2B NAP H . -18.16 -12.63 1.48
O1X NAP H . -17.85 -11.28 0.98
O2X NAP H . -17.05 -13.25 2.25
O3X NAP H . -18.65 -13.50 0.32
#